data_7N7V
#
_entry.id   7N7V
#
_cell.length_a   50.570
_cell.length_b   84.516
_cell.length_c   168.920
_cell.angle_alpha   90.000
_cell.angle_beta   90.000
_cell.angle_gamma   90.000
#
_symmetry.space_group_name_H-M   'P 21 21 21'
#
loop_
_entity.id
_entity.type
_entity.pdbx_description
1 polymer 'Predicted hydroxylase'
2 non-polymer 'FE (II) ION'
3 non-polymer 'CHLORIDE ION'
4 water water
#
_entity_poly.entity_id   1
_entity_poly.type   'polypeptide(L)'
_entity_poly.pdbx_seq_one_letter_code
;MGSSHHHHHHSSGLVPRGSHMASMTGGQQMGRGSEFMSDQPWLHRLDPAEAAEIDDALDVLLKSGKPNFAASPADFPLPT
LGPRLRGIVDSIENEPGFALVRGVPVGDKSEDEVRRLYWGLGMYIGVPMIQNNNDSSMVDIRDERRAGKLRVHKSNQHIG
FHIDSTDVVTLLCRRAASQGGTSLVVSAEAVRREMSWECPELLSALYEPLPFADVASPDDERPDVFLSPVFGRHEGLTTT
RFYIRRVLRSQDNPDAPRLTERQLEAINKVEEIAARPGLVTPMQFEPGDLQMINNHLVLHGRTAFASEEPGEGRHLLRMW
FSVPSSRSLPPGYEAAWGTREGGTLRGAGPRWQLQGEFGEFQRRQAEELGVAIPA
;
_entity_poly.pdbx_strand_id   A,B
#
loop_
_chem_comp.id
_chem_comp.type
_chem_comp.name
_chem_comp.formula
CL non-polymer 'CHLORIDE ION' 'Cl -1'
FE2 non-polymer 'FE (II) ION' 'Fe 2'
#
# COMPACT_ATOMS: atom_id res chain seq x y z
N GLY A 33 -15.58 -7.19 7.10
CA GLY A 33 -16.37 -6.59 8.21
C GLY A 33 -17.77 -7.17 8.36
N SER A 34 -18.71 -6.33 8.81
CA SER A 34 -20.10 -6.72 9.00
C SER A 34 -21.09 -5.85 8.25
N GLU A 35 -20.66 -4.70 7.70
CA GLU A 35 -21.50 -3.85 6.88
C GLU A 35 -20.78 -3.55 5.57
N PHE A 36 -21.57 -3.37 4.52
CA PHE A 36 -21.05 -3.06 3.18
C PHE A 36 -21.97 -2.00 2.58
N MET A 37 -21.53 -0.74 2.63
CA MET A 37 -22.39 0.35 2.25
C MET A 37 -22.51 0.45 0.74
N SER A 38 -23.64 0.99 0.28
CA SER A 38 -23.84 1.21 -1.15
C SER A 38 -22.86 2.24 -1.69
N ASP A 39 -22.74 3.37 -1.02
CA ASP A 39 -21.87 4.44 -1.50
C ASP A 39 -20.40 4.09 -1.25
N GLN A 40 -19.56 4.53 -2.18
CA GLN A 40 -18.13 4.38 -2.01
C GLN A 40 -17.65 5.27 -0.87
N PRO A 41 -16.55 4.91 -0.21
CA PRO A 41 -16.07 5.73 0.93
C PRO A 41 -15.68 7.15 0.52
N TRP A 42 -15.31 7.38 -0.73
CA TRP A 42 -14.94 8.72 -1.17
C TRP A 42 -16.14 9.58 -1.55
N LEU A 43 -17.35 9.07 -1.42
CA LEU A 43 -18.57 9.82 -1.71
C LEU A 43 -19.14 10.37 -0.42
N HIS A 44 -19.35 11.69 -0.39
CA HIS A 44 -19.83 12.39 0.81
C HIS A 44 -21.13 13.10 0.45
N ARG A 45 -22.25 12.60 0.97
CA ARG A 45 -23.55 13.17 0.64
C ARG A 45 -23.92 14.27 1.62
N LEU A 46 -24.62 15.28 1.12
CA LEU A 46 -25.19 16.34 1.95
C LEU A 46 -26.65 16.01 2.22
N ASP A 47 -27.06 16.13 3.48
CA ASP A 47 -28.46 15.93 3.86
C ASP A 47 -29.20 17.24 3.75
N PRO A 48 -30.54 17.21 3.81
CA PRO A 48 -31.31 18.45 3.62
C PRO A 48 -30.87 19.59 4.50
N ALA A 49 -30.57 19.31 5.78
CA ALA A 49 -30.15 20.37 6.68
C ALA A 49 -28.87 21.04 6.20
N GLU A 50 -27.94 20.24 5.67
CA GLU A 50 -26.69 20.81 5.16
C GLU A 50 -26.94 21.64 3.90
N ALA A 51 -27.82 21.18 3.01
CA ALA A 51 -28.17 21.97 1.83
C ALA A 51 -28.83 23.27 2.24
N ALA A 52 -29.81 23.21 3.16
CA ALA A 52 -30.45 24.43 3.64
C ALA A 52 -29.43 25.37 4.27
N GLU A 53 -28.41 24.81 4.91
CA GLU A 53 -27.37 25.65 5.51
C GLU A 53 -26.61 26.42 4.44
N ILE A 54 -26.40 25.82 3.26
CA ILE A 54 -25.75 26.54 2.19
C ILE A 54 -26.67 27.62 1.63
N ASP A 55 -27.96 27.29 1.43
CA ASP A 55 -28.90 28.30 0.99
C ASP A 55 -28.92 29.49 1.95
N ASP A 56 -28.95 29.21 3.26
CA ASP A 56 -28.93 30.30 4.23
C ASP A 56 -27.63 31.08 4.18
N ALA A 57 -26.51 30.38 3.99
CA ALA A 57 -25.22 31.07 3.92
C ALA A 57 -25.16 32.02 2.74
N LEU A 58 -25.66 31.59 1.58
CA LEU A 58 -25.68 32.47 0.42
C LEU A 58 -26.58 33.69 0.67
N ASP A 59 -27.72 33.49 1.34
CA ASP A 59 -28.57 34.63 1.68
C ASP A 59 -27.79 35.66 2.49
N VAL A 60 -27.00 35.21 3.47
CA VAL A 60 -26.19 36.14 4.25
C VAL A 60 -25.22 36.87 3.35
N LEU A 61 -24.55 36.15 2.45
CA LEU A 61 -23.52 36.76 1.61
C LEU A 61 -24.13 37.78 0.66
N LEU A 62 -25.24 37.45 0.01
CA LEU A 62 -25.85 38.37 -0.93
C LEU A 62 -26.37 39.61 -0.22
N LYS A 63 -26.91 39.44 0.99
CA LYS A 63 -27.48 40.55 1.73
C LYS A 63 -26.45 41.41 2.43
N SER A 64 -25.20 40.96 2.52
CA SER A 64 -24.16 41.77 3.13
C SER A 64 -23.68 42.88 2.20
N GLY A 65 -23.91 42.74 0.90
CA GLY A 65 -23.40 43.71 -0.05
C GLY A 65 -21.92 43.68 -0.26
N LYS A 66 -21.23 42.64 0.19
CA LYS A 66 -19.78 42.61 0.04
C LYS A 66 -19.39 41.82 -1.20
N PRO A 67 -18.38 42.27 -1.94
CA PRO A 67 -17.86 41.44 -3.03
C PRO A 67 -17.04 40.28 -2.49
N ASN A 68 -16.78 39.31 -3.38
CA ASN A 68 -16.09 38.09 -2.97
C ASN A 68 -14.79 38.40 -2.23
N PHE A 69 -13.96 39.29 -2.79
CA PHE A 69 -12.64 39.52 -2.25
C PHE A 69 -12.66 40.23 -0.90
N ALA A 70 -13.80 40.79 -0.49
CA ALA A 70 -13.92 41.45 0.81
C ALA A 70 -14.63 40.58 1.85
N ALA A 71 -15.08 39.40 1.48
CA ALA A 71 -15.88 38.55 2.35
C ALA A 71 -14.98 37.70 3.26
N SER A 72 -15.61 37.11 4.26
CA SER A 72 -14.98 36.17 5.18
C SER A 72 -15.98 35.05 5.50
N PRO A 73 -15.57 33.99 6.19
CA PRO A 73 -16.56 32.96 6.57
C PRO A 73 -17.76 33.53 7.30
N ALA A 74 -17.57 34.66 8.00
CA ALA A 74 -18.68 35.30 8.67
C ALA A 74 -19.80 35.68 7.71
N ASP A 75 -19.46 35.95 6.45
CA ASP A 75 -20.43 36.30 5.42
C ASP A 75 -21.02 35.10 4.71
N PHE A 76 -20.56 33.90 5.03
CA PHE A 76 -21.07 32.66 4.43
C PHE A 76 -21.00 31.56 5.49
N PRO A 77 -21.76 31.69 6.57
CA PRO A 77 -21.58 30.80 7.72
C PRO A 77 -22.09 29.39 7.45
N LEU A 78 -21.25 28.41 7.75
CA LEU A 78 -21.60 26.98 7.63
C LEU A 78 -21.29 26.35 8.98
N PRO A 79 -22.17 26.52 9.97
CA PRO A 79 -21.85 26.03 11.32
C PRO A 79 -21.53 24.56 11.41
N THR A 80 -22.26 23.71 10.70
CA THR A 80 -22.03 22.27 10.74
C THR A 80 -21.30 21.74 9.51
N LEU A 81 -21.51 22.34 8.34
CA LEU A 81 -20.84 21.86 7.14
C LEU A 81 -19.42 22.40 7.04
N GLY A 82 -19.14 23.54 7.65
CA GLY A 82 -17.81 24.12 7.59
C GLY A 82 -16.76 23.18 8.13
N PRO A 83 -16.91 22.76 9.39
CA PRO A 83 -15.96 21.78 9.95
C PRO A 83 -15.91 20.49 9.16
N ARG A 84 -17.05 20.00 8.67
CA ARG A 84 -17.03 18.77 7.90
C ARG A 84 -16.26 18.96 6.59
N LEU A 85 -16.41 20.12 5.95
CA LEU A 85 -15.67 20.37 4.72
C LEU A 85 -14.17 20.42 4.99
N ARG A 86 -13.75 21.07 6.07
CA ARG A 86 -12.33 21.10 6.41
C ARG A 86 -11.79 19.69 6.58
N GLY A 87 -12.56 18.81 7.24
CA GLY A 87 -12.10 17.46 7.47
C GLY A 87 -11.96 16.66 6.20
N ILE A 88 -12.90 16.84 5.27
CA ILE A 88 -12.80 16.12 3.99
C ILE A 88 -11.56 16.58 3.21
N VAL A 89 -11.31 17.88 3.18
CA VAL A 89 -10.11 18.37 2.49
C VAL A 89 -8.84 17.84 3.15
N ASP A 90 -8.83 17.80 4.48
CA ASP A 90 -7.68 17.21 5.17
C ASP A 90 -7.52 15.73 4.87
N SER A 91 -8.63 15.02 4.70
CA SER A 91 -8.57 13.57 4.51
C SER A 91 -7.99 13.17 3.16
N ILE A 92 -8.06 14.05 2.14
CA ILE A 92 -7.52 13.68 0.83
C ILE A 92 -6.00 13.79 0.75
N GLU A 93 -5.35 14.19 1.84
CA GLU A 93 -3.89 14.01 1.94
C GLU A 93 -3.51 12.53 2.03
N ASN A 94 -4.46 11.67 2.36
CA ASN A 94 -4.27 10.24 2.43
C ASN A 94 -5.02 9.56 1.29
N GLU A 95 -4.71 8.28 1.07
CA GLU A 95 -5.41 7.52 0.05
C GLU A 95 -6.91 7.56 0.30
N PRO A 96 -7.74 7.57 -0.77
CA PRO A 96 -7.34 7.49 -2.19
C PRO A 96 -6.96 8.84 -2.81
N GLY A 97 -7.06 9.92 -2.05
CA GLY A 97 -6.59 11.21 -2.53
C GLY A 97 -7.61 12.03 -3.29
N PHE A 98 -8.88 11.66 -3.25
CA PHE A 98 -9.93 12.47 -3.86
C PHE A 98 -11.22 12.27 -3.07
N ALA A 99 -12.16 13.17 -3.29
CA ALA A 99 -13.48 13.11 -2.67
C ALA A 99 -14.51 13.69 -3.61
N LEU A 100 -15.73 13.14 -3.56
CA LEU A 100 -16.86 13.67 -4.31
C LEU A 100 -17.96 14.04 -3.32
N VAL A 101 -18.18 15.33 -3.13
CA VAL A 101 -19.29 15.82 -2.33
C VAL A 101 -20.50 15.98 -3.24
N ARG A 102 -21.63 15.46 -2.81
CA ARG A 102 -22.83 15.41 -3.63
C ARG A 102 -23.99 16.08 -2.91
N GLY A 103 -24.67 17.00 -3.61
CA GLY A 103 -25.88 17.58 -3.09
C GLY A 103 -25.85 19.07 -2.85
N VAL A 104 -24.87 19.76 -3.42
CA VAL A 104 -24.84 21.22 -3.32
C VAL A 104 -26.08 21.80 -4.00
N PRO A 105 -26.86 22.65 -3.33
CA PRO A 105 -28.10 23.15 -3.96
C PRO A 105 -27.84 24.22 -5.00
N VAL A 106 -27.74 23.81 -6.26
CA VAL A 106 -27.47 24.72 -7.37
C VAL A 106 -28.63 24.85 -8.33
N GLY A 107 -29.71 24.09 -8.13
CA GLY A 107 -30.71 23.96 -9.18
C GLY A 107 -31.49 25.23 -9.47
N ASP A 108 -31.78 26.02 -8.43
CA ASP A 108 -32.64 27.18 -8.59
C ASP A 108 -31.86 28.50 -8.68
N LYS A 109 -30.56 28.42 -8.94
CA LYS A 109 -29.69 29.57 -8.85
C LYS A 109 -29.30 30.06 -10.23
N SER A 110 -29.09 31.36 -10.36
CA SER A 110 -28.50 31.91 -11.57
C SER A 110 -27.02 31.57 -11.60
N GLU A 111 -26.43 31.69 -12.79
CA GLU A 111 -25.00 31.45 -12.94
C GLU A 111 -24.22 32.32 -11.96
N ASP A 112 -24.59 33.60 -11.88
CA ASP A 112 -23.92 34.50 -10.93
C ASP A 112 -24.05 33.98 -9.50
N GLU A 113 -25.23 33.50 -9.13
CA GLU A 113 -25.44 33.07 -7.75
C GLU A 113 -24.66 31.80 -7.43
N VAL A 114 -24.54 30.89 -8.41
CA VAL A 114 -23.74 29.69 -8.16
C VAL A 114 -22.29 30.06 -7.93
N ARG A 115 -21.77 31.04 -8.68
CA ARG A 115 -20.39 31.45 -8.46
C ARG A 115 -20.19 32.03 -7.05
N ARG A 116 -21.14 32.82 -6.57
CA ARG A 116 -21.01 33.34 -5.20
C ARG A 116 -21.07 32.19 -4.19
N LEU A 117 -22.01 31.26 -4.39
CA LEU A 117 -22.08 30.07 -3.54
C LEU A 117 -20.76 29.32 -3.53
N TYR A 118 -20.21 29.05 -4.72
CA TYR A 118 -18.93 28.34 -4.81
C TYR A 118 -17.86 29.07 -4.03
N TRP A 119 -17.76 30.39 -4.21
CA TRP A 119 -16.77 31.16 -3.49
C TRP A 119 -16.93 30.99 -1.98
N GLY A 120 -18.18 30.97 -1.51
CA GLY A 120 -18.39 30.76 -0.08
C GLY A 120 -17.90 29.42 0.40
N LEU A 121 -18.17 28.36 -0.37
CA LEU A 121 -17.67 27.04 -0.01
C LEU A 121 -16.15 27.01 0.02
N GLY A 122 -15.50 27.71 -0.92
CA GLY A 122 -14.05 27.75 -0.97
C GLY A 122 -13.41 28.35 0.25
N MET A 123 -14.13 29.18 1.00
CA MET A 123 -13.58 29.76 2.21
C MET A 123 -13.42 28.72 3.31
N TYR A 124 -13.94 27.51 3.12
CA TYR A 124 -13.75 26.41 4.05
C TYR A 124 -12.88 25.31 3.46
N ILE A 125 -12.34 25.53 2.25
CA ILE A 125 -11.50 24.54 1.57
C ILE A 125 -10.03 24.91 1.69
N GLY A 126 -9.68 26.09 1.23
CA GLY A 126 -8.30 26.54 1.30
C GLY A 126 -8.14 27.98 0.90
N VAL A 127 -6.93 28.34 0.49
CA VAL A 127 -6.63 29.66 -0.05
C VAL A 127 -6.72 29.58 -1.57
N PRO A 128 -7.62 30.30 -2.22
CA PRO A 128 -7.73 30.22 -3.69
C PRO A 128 -6.53 30.82 -4.38
N MET A 129 -6.26 30.31 -5.57
CA MET A 129 -5.08 30.72 -6.35
C MET A 129 -5.53 31.26 -7.70
N ILE A 130 -4.76 32.21 -8.21
CA ILE A 130 -4.94 32.64 -9.61
C ILE A 130 -4.47 31.53 -10.53
N GLN A 131 -5.23 31.28 -11.60
CA GLN A 131 -4.99 30.14 -12.46
C GLN A 131 -4.47 30.48 -13.85
N ASN A 132 -4.58 31.75 -14.29
CA ASN A 132 -4.18 32.08 -15.66
C ASN A 132 -3.72 33.52 -15.73
N ASN A 133 -3.35 33.95 -16.93
CA ASN A 133 -2.82 35.29 -17.14
C ASN A 133 -3.91 36.36 -17.17
N ASN A 134 -5.18 36.00 -16.94
CA ASN A 134 -6.26 36.99 -16.88
C ASN A 134 -6.83 37.09 -15.47
N ASP A 135 -6.00 36.79 -14.46
N ASP A 135 -6.01 36.79 -14.45
CA ASP A 135 -6.32 37.00 -13.05
CA ASP A 135 -6.35 37.05 -13.06
C ASP A 135 -7.62 36.30 -12.65
C ASP A 135 -7.61 36.30 -12.62
N SER A 136 -7.86 35.13 -13.21
CA SER A 136 -9.03 34.35 -12.85
C SER A 136 -8.71 33.43 -11.68
N SER A 137 -9.59 33.40 -10.68
CA SER A 137 -9.52 32.44 -9.58
C SER A 137 -10.72 31.50 -9.58
N MET A 138 -11.53 31.52 -10.65
CA MET A 138 -12.64 30.60 -10.81
C MET A 138 -12.87 30.48 -12.30
N VAL A 139 -12.58 29.29 -12.88
CA VAL A 139 -12.51 29.11 -14.31
C VAL A 139 -13.66 28.24 -14.77
N ASP A 140 -14.30 28.64 -15.87
CA ASP A 140 -15.43 27.91 -16.41
C ASP A 140 -14.95 26.77 -17.30
N ILE A 141 -15.51 25.58 -17.08
CA ILE A 141 -15.24 24.41 -17.90
C ILE A 141 -16.52 24.10 -18.65
N ARG A 142 -16.50 24.26 -19.97
CA ARG A 142 -17.66 24.01 -20.82
C ARG A 142 -17.28 22.99 -21.90
N ASP A 143 -18.14 22.85 -22.90
CA ASP A 143 -17.90 21.90 -24.00
C ASP A 143 -16.54 22.15 -24.64
N ILE A 159 -7.29 10.15 -23.97
CA ILE A 159 -7.71 10.56 -22.65
C ILE A 159 -6.86 11.76 -22.17
N GLY A 160 -5.63 11.46 -21.76
CA GLY A 160 -4.71 12.50 -21.33
C GLY A 160 -4.72 12.70 -19.84
N PHE A 161 -4.37 11.66 -19.08
CA PHE A 161 -4.32 11.80 -17.63
C PHE A 161 -3.27 12.83 -17.24
N HIS A 162 -3.56 13.63 -16.22
CA HIS A 162 -2.66 14.71 -15.85
C HIS A 162 -3.03 15.18 -14.46
N ILE A 163 -2.17 16.04 -13.91
CA ILE A 163 -2.48 16.78 -12.70
C ILE A 163 -2.70 18.24 -13.08
N ASP A 164 -3.33 18.99 -12.18
CA ASP A 164 -3.33 20.45 -12.23
C ASP A 164 -2.20 20.97 -11.34
N SER A 165 -1.61 22.10 -11.73
CA SER A 165 -0.43 22.64 -11.05
C SER A 165 -0.85 23.41 -9.79
N THR A 166 -1.46 22.67 -8.87
CA THR A 166 -1.91 23.21 -7.60
C THR A 166 -2.04 22.05 -6.61
N ASP A 167 -2.09 22.39 -5.32
CA ASP A 167 -2.16 21.36 -4.29
C ASP A 167 -3.49 20.62 -4.35
N VAL A 168 -4.59 21.37 -4.41
CA VAL A 168 -5.93 20.78 -4.47
C VAL A 168 -6.75 21.53 -5.51
N VAL A 169 -7.35 20.79 -6.43
CA VAL A 169 -8.23 21.33 -7.44
C VAL A 169 -9.63 20.85 -7.13
N THR A 170 -10.60 21.75 -7.23
CA THR A 170 -12.01 21.42 -7.03
C THR A 170 -12.81 21.75 -8.28
N LEU A 171 -13.84 20.95 -8.52
CA LEU A 171 -14.76 21.17 -9.62
C LEU A 171 -16.17 21.12 -9.06
N LEU A 172 -16.94 22.18 -9.29
CA LEU A 172 -18.35 22.23 -8.95
C LEU A 172 -19.16 22.09 -10.23
N CYS A 173 -20.06 21.11 -10.25
CA CYS A 173 -20.90 20.86 -11.42
C CYS A 173 -22.18 21.69 -11.30
N ARG A 174 -22.34 22.69 -12.17
CA ARG A 174 -23.62 23.36 -12.26
C ARG A 174 -24.55 22.63 -13.22
N ARG A 175 -24.06 22.26 -14.40
CA ARG A 175 -24.79 21.44 -15.35
C ARG A 175 -23.89 20.29 -15.79
N ALA A 176 -24.48 19.12 -15.94
CA ALA A 176 -23.75 17.92 -16.33
C ALA A 176 -23.97 17.63 -17.81
N ALA A 177 -23.00 16.98 -18.43
CA ALA A 177 -23.15 16.58 -19.82
C ALA A 177 -24.24 15.51 -19.92
N SER A 178 -25.05 15.61 -20.98
CA SER A 178 -26.13 14.64 -21.14
C SER A 178 -25.58 13.23 -21.26
N GLN A 179 -24.59 13.04 -22.13
CA GLN A 179 -24.02 11.72 -22.39
C GLN A 179 -22.50 11.81 -22.28
N GLY A 180 -21.89 10.74 -21.78
CA GLY A 180 -20.46 10.67 -21.62
C GLY A 180 -19.93 11.73 -20.66
N GLY A 181 -18.71 12.17 -20.93
CA GLY A 181 -18.07 13.14 -20.06
C GLY A 181 -17.65 12.59 -18.71
N THR A 182 -17.53 11.27 -18.60
CA THR A 182 -17.22 10.65 -17.32
C THR A 182 -15.84 11.06 -16.82
N SER A 183 -15.78 11.59 -15.61
CA SER A 183 -14.51 11.92 -14.99
C SER A 183 -13.81 10.66 -14.51
N LEU A 184 -12.50 10.59 -14.76
CA LEU A 184 -11.70 9.42 -14.44
C LEU A 184 -10.55 9.84 -13.53
N VAL A 185 -10.36 9.09 -12.45
CA VAL A 185 -9.24 9.34 -11.54
C VAL A 185 -8.49 8.03 -11.34
N VAL A 186 -7.17 8.14 -11.15
CA VAL A 186 -6.30 7.00 -10.97
C VAL A 186 -5.21 7.39 -9.97
N SER A 187 -4.80 6.42 -9.17
CA SER A 187 -3.74 6.64 -8.19
C SER A 187 -2.39 6.65 -8.91
N ALA A 188 -1.63 7.74 -8.73
CA ALA A 188 -0.32 7.83 -9.36
C ALA A 188 0.63 6.75 -8.81
N GLU A 189 0.62 6.54 -7.51
CA GLU A 189 1.50 5.54 -6.91
C GLU A 189 1.13 4.13 -7.39
N ALA A 190 -0.16 3.88 -7.64
CA ALA A 190 -0.56 2.60 -8.20
C ALA A 190 0.01 2.40 -9.59
N VAL A 191 0.07 3.48 -10.39
CA VAL A 191 0.69 3.38 -11.71
C VAL A 191 2.17 3.09 -11.57
N ARG A 192 2.84 3.84 -10.69
CA ARG A 192 4.28 3.61 -10.49
C ARG A 192 4.54 2.17 -10.03
N ARG A 193 3.65 1.61 -9.21
CA ARG A 193 3.90 0.25 -8.70
C ARG A 193 3.73 -0.79 -9.81
N GLU A 194 2.76 -0.60 -10.71
CA GLU A 194 2.68 -1.50 -11.86
C GLU A 194 3.96 -1.46 -12.68
N MET A 195 4.51 -0.26 -12.89
CA MET A 195 5.74 -0.14 -13.63
C MET A 195 6.89 -0.86 -12.92
N SER A 196 6.88 -0.85 -11.59
CA SER A 196 7.97 -1.50 -10.84
C SER A 196 7.96 -3.00 -11.07
N TRP A 197 6.79 -3.57 -11.38
CA TRP A 197 6.67 -4.98 -11.72
C TRP A 197 6.92 -5.24 -13.21
N GLU A 198 6.31 -4.43 -14.07
CA GLU A 198 6.23 -4.71 -15.50
C GLU A 198 7.43 -4.19 -16.28
N CYS A 199 7.96 -3.04 -15.93
CA CYS A 199 9.06 -2.44 -16.67
C CYS A 199 9.88 -1.56 -15.73
N PRO A 200 10.51 -2.15 -14.72
CA PRO A 200 11.27 -1.32 -13.76
C PRO A 200 12.39 -0.53 -14.41
N GLU A 201 12.94 -1.00 -15.53
CA GLU A 201 14.04 -0.30 -16.19
C GLU A 201 13.65 1.11 -16.62
N LEU A 202 12.36 1.40 -16.76
CA LEU A 202 11.91 2.72 -17.18
C LEU A 202 11.72 3.68 -16.02
N LEU A 203 11.71 3.19 -14.78
CA LEU A 203 11.40 4.07 -13.65
C LEU A 203 12.48 5.14 -13.44
N SER A 204 13.74 4.82 -13.71
CA SER A 204 14.80 5.80 -13.48
C SER A 204 14.58 7.04 -14.34
N ALA A 205 14.04 6.87 -15.55
CA ALA A 205 13.78 8.03 -16.41
C ALA A 205 12.72 8.94 -15.82
N LEU A 206 11.79 8.39 -15.04
CA LEU A 206 10.76 9.18 -14.40
C LEU A 206 11.17 9.76 -13.05
N TYR A 207 12.24 9.25 -12.44
CA TYR A 207 12.77 9.84 -11.23
C TYR A 207 13.74 10.98 -11.51
N GLU A 208 14.39 10.98 -12.69
CA GLU A 208 15.21 12.10 -13.13
C GLU A 208 14.32 13.22 -13.65
N PRO A 209 14.72 14.47 -13.46
CA PRO A 209 13.86 15.59 -13.89
C PRO A 209 13.60 15.59 -15.39
N LEU A 210 12.35 15.86 -15.75
CA LEU A 210 11.95 16.00 -17.13
C LEU A 210 11.45 17.42 -17.39
N PRO A 211 11.52 17.91 -18.63
CA PRO A 211 11.06 19.28 -18.91
C PRO A 211 9.56 19.38 -19.09
N PHE A 212 8.96 20.39 -18.45
CA PHE A 212 7.54 20.68 -18.57
C PHE A 212 7.33 22.12 -19.03
N ALA A 213 6.40 22.32 -19.95
CA ALA A 213 5.97 23.68 -20.28
C ALA A 213 5.17 24.24 -19.10
N ASP A 214 5.50 25.45 -18.69
CA ASP A 214 4.87 26.07 -17.53
C ASP A 214 3.50 26.64 -17.91
N VAL A 215 2.47 26.23 -17.17
CA VAL A 215 1.12 26.72 -17.45
C VAL A 215 1.05 28.24 -17.33
N ALA A 216 1.95 28.84 -16.56
CA ALA A 216 1.95 30.29 -16.36
C ALA A 216 2.69 31.03 -17.47
N SER A 217 3.13 30.34 -18.51
CA SER A 217 3.84 30.97 -19.60
C SER A 217 2.98 32.05 -20.23
N PRO A 218 3.49 33.27 -20.37
CA PRO A 218 2.72 34.28 -21.14
C PRO A 218 2.48 33.89 -22.59
N ASP A 219 3.47 33.29 -23.26
CA ASP A 219 3.39 32.91 -24.67
C ASP A 219 3.43 31.41 -24.77
N ASP A 220 2.27 30.81 -25.06
CA ASP A 220 2.18 29.34 -25.07
C ASP A 220 2.99 28.74 -26.22
N GLU A 221 3.19 29.50 -27.30
CA GLU A 221 4.00 29.03 -28.42
C GLU A 221 5.49 29.09 -28.11
N ARG A 222 5.89 29.86 -27.12
CA ARG A 222 7.29 29.95 -26.67
C ARG A 222 7.28 29.82 -25.16
N PRO A 223 6.98 28.63 -24.65
CA PRO A 223 6.71 28.50 -23.21
C PRO A 223 7.97 28.60 -22.38
N ASP A 224 7.80 29.09 -21.16
CA ASP A 224 8.79 28.90 -20.12
C ASP A 224 8.77 27.42 -19.72
N VAL A 225 9.93 26.91 -19.33
CA VAL A 225 10.09 25.49 -19.02
C VAL A 225 10.77 25.35 -17.66
N PHE A 226 10.30 24.38 -16.89
CA PHE A 226 10.96 23.97 -15.66
C PHE A 226 11.16 22.46 -15.68
N LEU A 227 12.10 21.98 -14.86
CA LEU A 227 12.38 20.56 -14.73
C LEU A 227 11.74 20.01 -13.46
N SER A 228 11.17 18.81 -13.56
CA SER A 228 10.58 18.13 -12.41
C SER A 228 10.51 16.65 -12.69
N PRO A 229 10.76 15.79 -11.69
CA PRO A 229 10.50 14.37 -11.88
C PRO A 229 9.01 14.12 -12.04
N VAL A 230 8.69 12.97 -12.62
CA VAL A 230 7.31 12.52 -12.71
C VAL A 230 6.86 11.85 -11.43
N PHE A 231 7.77 11.13 -10.77
CA PHE A 231 7.52 10.49 -9.49
C PHE A 231 8.59 10.92 -8.50
N GLY A 232 8.17 11.31 -7.29
CA GLY A 232 9.10 11.61 -6.22
C GLY A 232 8.52 11.26 -4.87
N ARG A 233 9.38 11.34 -3.85
CA ARG A 233 8.94 11.12 -2.48
C ARG A 233 9.88 11.85 -1.53
N HIS A 234 9.33 12.27 -0.40
CA HIS A 234 10.09 13.01 0.60
C HIS A 234 9.50 12.71 1.96
N GLU A 235 10.36 12.25 2.89
CA GLU A 235 9.95 11.91 4.26
C GLU A 235 8.76 10.94 4.26
N GLY A 236 8.70 10.06 3.28
CA GLY A 236 7.68 9.04 3.22
C GLY A 236 6.41 9.43 2.47
N LEU A 237 6.31 10.66 1.97
CA LEU A 237 5.13 11.13 1.29
C LEU A 237 5.43 11.28 -0.19
N THR A 238 4.63 10.64 -1.03
CA THR A 238 4.86 10.65 -2.47
C THR A 238 4.26 11.87 -3.14
N THR A 239 4.84 12.25 -4.26
CA THR A 239 4.36 13.34 -5.08
C THR A 239 4.53 12.97 -6.54
N THR A 240 3.63 13.45 -7.39
CA THR A 240 3.67 13.16 -8.81
C THR A 240 3.44 14.43 -9.63
N ARG A 241 4.01 14.45 -10.83
CA ARG A 241 3.63 15.41 -11.86
C ARG A 241 3.61 14.69 -13.20
N PHE A 242 2.47 14.71 -13.88
CA PHE A 242 2.36 14.05 -15.17
C PHE A 242 1.44 14.85 -16.06
N TYR A 243 1.89 15.08 -17.30
CA TYR A 243 1.12 15.81 -18.31
C TYR A 243 1.90 15.73 -19.61
N ILE A 244 1.59 14.75 -20.46
CA ILE A 244 2.42 14.51 -21.65
C ILE A 244 2.45 15.75 -22.53
N ARG A 245 1.29 16.37 -22.77
N ARG A 245 1.29 16.36 -22.78
CA ARG A 245 1.24 17.56 -23.61
CA ARG A 245 1.25 17.55 -23.61
C ARG A 245 2.20 18.63 -23.12
C ARG A 245 2.22 18.61 -23.12
N ARG A 246 2.31 18.80 -21.81
CA ARG A 246 3.21 19.82 -21.28
C ARG A 246 4.66 19.43 -21.51
N VAL A 247 4.96 18.14 -21.39
CA VAL A 247 6.33 17.67 -21.59
C VAL A 247 6.73 17.83 -23.04
N LEU A 248 5.83 17.47 -23.97
CA LEU A 248 6.13 17.62 -25.38
C LEU A 248 6.21 19.09 -25.77
N ARG A 249 5.34 19.93 -25.21
CA ARG A 249 5.37 21.36 -25.55
C ARG A 249 6.63 22.03 -25.06
N SER A 250 7.30 21.48 -24.04
CA SER A 250 8.53 22.07 -23.56
C SER A 250 9.56 22.15 -24.68
N GLN A 251 9.47 21.25 -25.67
CA GLN A 251 10.44 21.23 -26.74
C GLN A 251 10.33 22.45 -27.63
N ASP A 252 9.20 23.15 -27.60
CA ASP A 252 9.06 24.40 -28.34
C ASP A 252 9.96 25.49 -27.79
N ASN A 253 10.51 25.32 -26.59
CA ASN A 253 11.52 26.23 -26.07
C ASN A 253 12.88 25.70 -26.47
N PRO A 254 13.61 26.35 -27.38
CA PRO A 254 14.87 25.78 -27.87
C PRO A 254 15.92 25.58 -26.79
N ASP A 255 15.77 26.23 -25.64
CA ASP A 255 16.72 26.08 -24.55
C ASP A 255 16.43 24.88 -23.65
N ALA A 256 15.24 24.32 -23.73
CA ALA A 256 14.92 23.16 -22.90
C ALA A 256 15.69 21.93 -23.38
N PRO A 257 16.02 21.01 -22.49
CA PRO A 257 16.69 19.78 -22.92
C PRO A 257 15.82 19.00 -23.89
N ARG A 258 16.47 18.34 -24.84
CA ARG A 258 15.76 17.49 -25.80
C ARG A 258 15.34 16.19 -25.12
N LEU A 259 14.14 15.71 -25.44
CA LEU A 259 13.60 14.50 -24.84
C LEU A 259 14.28 13.27 -25.40
N THR A 260 14.83 12.44 -24.51
CA THR A 260 15.50 11.21 -24.91
C THR A 260 14.47 10.11 -25.19
N GLU A 261 14.96 9.04 -25.83
CA GLU A 261 14.08 7.93 -26.17
C GLU A 261 13.54 7.25 -24.92
N ARG A 262 14.37 7.09 -23.90
CA ARG A 262 13.91 6.49 -22.65
C ARG A 262 12.81 7.33 -22.00
N GLN A 263 12.98 8.66 -22.00
CA GLN A 263 11.98 9.52 -21.41
C GLN A 263 10.65 9.42 -22.17
N LEU A 264 10.71 9.45 -23.50
CA LEU A 264 9.48 9.34 -24.28
C LEU A 264 8.81 7.98 -24.06
N GLU A 265 9.59 6.91 -24.01
CA GLU A 265 9.01 5.60 -23.74
C GLU A 265 8.40 5.55 -22.34
N ALA A 266 9.06 6.18 -21.37
CA ALA A 266 8.58 6.11 -19.99
C ALA A 266 7.27 6.86 -19.82
N ILE A 267 7.18 8.08 -20.34
CA ILE A 267 5.94 8.83 -20.14
C ILE A 267 4.79 8.16 -20.89
N ASN A 268 5.07 7.57 -22.05
CA ASN A 268 4.02 6.86 -22.78
C ASN A 268 3.53 5.67 -21.97
N LYS A 269 4.45 5.00 -21.27
CA LYS A 269 4.05 3.85 -20.44
C LYS A 269 3.13 4.29 -19.31
N VAL A 270 3.41 5.43 -18.70
CA VAL A 270 2.57 5.93 -17.61
C VAL A 270 1.15 6.15 -18.13
N GLU A 271 1.02 6.80 -19.27
CA GLU A 271 -0.29 7.04 -19.85
C GLU A 271 -1.01 5.71 -20.13
N GLU A 272 -0.29 4.77 -20.73
CA GLU A 272 -0.89 3.48 -21.07
C GLU A 272 -1.43 2.77 -19.83
N ILE A 273 -0.63 2.70 -18.76
CA ILE A 273 -1.06 1.98 -17.57
C ILE A 273 -2.23 2.71 -16.90
N ALA A 274 -2.16 4.04 -16.83
CA ALA A 274 -3.20 4.79 -16.14
C ALA A 274 -4.58 4.55 -16.74
N ALA A 275 -4.66 4.27 -18.04
CA ALA A 275 -5.95 4.12 -18.70
C ALA A 275 -6.55 2.73 -18.55
N ARG A 276 -5.89 1.83 -17.80
CA ARG A 276 -6.35 0.45 -17.71
C ARG A 276 -7.57 0.34 -16.80
N PRO A 277 -8.51 -0.52 -17.14
CA PRO A 277 -9.75 -0.58 -16.33
C PRO A 277 -9.50 -0.85 -14.85
N GLY A 278 -8.55 -1.72 -14.53
CA GLY A 278 -8.33 -2.10 -13.14
C GLY A 278 -7.86 -0.97 -12.25
N LEU A 279 -7.30 0.08 -12.81
CA LEU A 279 -6.76 1.18 -12.01
C LEU A 279 -7.64 2.43 -12.00
N VAL A 280 -8.58 2.55 -12.93
CA VAL A 280 -9.35 3.77 -13.10
C VAL A 280 -10.59 3.71 -12.22
N THR A 281 -10.94 4.85 -11.62
CA THR A 281 -12.19 5.02 -10.90
C THR A 281 -13.06 6.03 -11.64
N PRO A 282 -14.17 5.63 -12.27
CA PRO A 282 -15.03 6.58 -12.95
C PRO A 282 -15.99 7.31 -12.02
N MET A 283 -16.39 8.49 -12.48
CA MET A 283 -17.30 9.37 -11.74
C MET A 283 -18.17 10.11 -12.75
N GLN A 284 -19.48 9.94 -12.68
CA GLN A 284 -20.42 10.68 -13.53
C GLN A 284 -20.97 11.86 -12.74
N PHE A 285 -20.51 13.07 -13.07
CA PHE A 285 -20.92 14.24 -12.33
C PHE A 285 -22.43 14.48 -12.47
N GLU A 286 -23.05 14.91 -11.40
CA GLU A 286 -24.43 15.35 -11.35
C GLU A 286 -24.46 16.80 -10.87
N PRO A 287 -25.47 17.57 -11.27
CA PRO A 287 -25.57 18.96 -10.76
C PRO A 287 -25.50 18.99 -9.24
N GLY A 288 -24.59 19.80 -8.73
CA GLY A 288 -24.37 19.90 -7.31
C GLY A 288 -23.21 19.08 -6.79
N ASP A 289 -22.58 18.29 -7.66
CA ASP A 289 -21.39 17.54 -7.24
C ASP A 289 -20.20 18.48 -7.12
N LEU A 290 -19.41 18.28 -6.07
CA LEU A 290 -18.18 19.04 -5.85
C LEU A 290 -17.04 18.03 -5.70
N GLN A 291 -16.24 17.89 -6.76
CA GLN A 291 -15.10 16.98 -6.76
C GLN A 291 -13.86 17.70 -6.24
N MET A 292 -13.11 17.03 -5.38
CA MET A 292 -11.88 17.59 -4.82
C MET A 292 -10.78 16.56 -5.00
N ILE A 293 -9.67 16.99 -5.59
CA ILE A 293 -8.59 16.09 -5.97
C ILE A 293 -7.28 16.64 -5.42
N ASN A 294 -6.49 15.77 -4.79
CA ASN A 294 -5.13 16.07 -4.34
C ASN A 294 -4.18 15.70 -5.47
N ASN A 295 -3.59 16.71 -6.10
CA ASN A 295 -2.79 16.49 -7.30
C ASN A 295 -1.48 15.77 -7.03
N HIS A 296 -1.04 15.66 -5.78
CA HIS A 296 0.17 14.91 -5.49
C HIS A 296 -0.04 13.40 -5.54
N LEU A 297 -1.30 12.94 -5.47
CA LEU A 297 -1.62 11.53 -5.40
C LEU A 297 -2.43 11.01 -6.57
N VAL A 298 -3.13 11.88 -7.31
CA VAL A 298 -4.13 11.45 -8.28
C VAL A 298 -3.86 12.11 -9.62
N LEU A 299 -3.96 11.32 -10.68
CA LEU A 299 -4.07 11.81 -12.05
C LEU A 299 -5.53 11.71 -12.45
N HIS A 300 -6.00 12.71 -13.20
CA HIS A 300 -7.40 12.74 -13.62
C HIS A 300 -7.49 12.95 -15.12
N GLY A 301 -8.61 12.52 -15.67
CA GLY A 301 -8.88 12.63 -17.08
C GLY A 301 -10.36 12.56 -17.34
N ARG A 302 -10.71 12.32 -18.61
CA ARG A 302 -12.09 12.43 -19.04
C ARG A 302 -12.31 11.58 -20.28
N THR A 303 -13.49 10.97 -20.37
CA THR A 303 -13.89 10.30 -21.60
C THR A 303 -14.45 11.31 -22.59
N ALA A 304 -14.48 10.91 -23.86
CA ALA A 304 -15.00 11.77 -24.91
C ALA A 304 -16.49 12.02 -24.72
N PHE A 305 -17.03 12.90 -25.56
CA PHE A 305 -18.47 13.19 -25.57
C PHE A 305 -19.14 12.47 -26.74
N GLY A 313 -24.50 20.63 -22.81
CA GLY A 313 -24.44 21.88 -22.08
C GLY A 313 -23.65 21.77 -20.79
N ARG A 314 -22.56 21.01 -20.82
CA ARG A 314 -21.71 20.84 -19.64
C ARG A 314 -21.26 22.19 -19.10
N HIS A 315 -21.22 22.31 -17.78
CA HIS A 315 -20.69 23.52 -17.15
C HIS A 315 -20.18 23.18 -15.75
N LEU A 316 -18.87 23.16 -15.59
CA LEU A 316 -18.22 23.02 -14.29
C LEU A 316 -17.47 24.30 -13.95
N LEU A 317 -17.23 24.51 -12.66
CA LEU A 317 -16.45 25.66 -12.18
C LEU A 317 -15.24 25.13 -11.41
N ARG A 318 -14.06 25.56 -11.81
CA ARG A 318 -12.80 25.06 -11.27
C ARG A 318 -12.15 26.10 -10.36
N MET A 319 -11.69 25.66 -9.21
CA MET A 319 -10.88 26.47 -8.31
C MET A 319 -9.62 25.71 -7.93
N TRP A 320 -8.56 26.46 -7.64
CA TRP A 320 -7.27 25.94 -7.24
C TRP A 320 -6.95 26.46 -5.85
N PHE A 321 -6.45 25.58 -4.99
CA PHE A 321 -6.24 25.91 -3.59
C PHE A 321 -4.87 25.49 -3.08
N SER A 322 -4.24 26.39 -2.33
CA SER A 322 -3.21 26.02 -1.36
C SER A 322 -3.91 25.66 -0.05
N VAL A 323 -3.43 24.62 0.62
CA VAL A 323 -4.12 24.08 1.78
C VAL A 323 -3.14 23.89 2.94
N PRO A 324 -3.61 23.96 4.19
CA PRO A 324 -2.66 23.93 5.31
C PRO A 324 -2.05 22.55 5.56
N SER A 325 -2.60 21.48 5.00
CA SER A 325 -2.11 20.12 5.24
C SER A 325 -1.28 19.59 4.08
N SER A 326 -0.89 20.43 3.12
CA SER A 326 -0.14 19.94 1.97
C SER A 326 1.26 19.46 2.39
N ARG A 327 1.83 18.58 1.57
CA ARG A 327 3.06 17.88 1.91
C ARG A 327 4.29 18.67 1.51
N SER A 328 5.34 18.53 2.31
CA SER A 328 6.67 19.00 1.91
C SER A 328 7.20 18.15 0.77
N LEU A 329 7.99 18.77 -0.10
CA LEU A 329 8.41 18.18 -1.36
C LEU A 329 9.91 17.92 -1.39
N PRO A 330 10.37 17.05 -2.29
CA PRO A 330 11.80 16.71 -2.34
C PRO A 330 12.62 17.87 -2.83
N PRO A 331 13.94 17.78 -2.73
CA PRO A 331 14.79 18.86 -3.25
C PRO A 331 14.62 19.04 -4.76
N GLY A 332 14.77 20.28 -5.21
CA GLY A 332 14.66 20.60 -6.62
C GLY A 332 13.26 20.92 -7.08
N TYR A 333 12.25 20.75 -6.24
CA TYR A 333 10.88 21.02 -6.64
C TYR A 333 10.51 22.50 -6.55
N GLU A 334 11.44 23.38 -6.18
CA GLU A 334 11.13 24.80 -6.11
C GLU A 334 10.74 25.34 -7.48
N ALA A 335 11.47 24.93 -8.53
CA ALA A 335 11.21 25.45 -9.86
C ALA A 335 9.78 25.17 -10.31
N ALA A 336 9.22 24.03 -9.91
CA ALA A 336 7.87 23.66 -10.33
C ALA A 336 6.80 24.18 -9.39
N TRP A 337 7.09 24.28 -8.09
CA TRP A 337 6.07 24.58 -7.10
C TRP A 337 6.24 25.92 -6.40
N GLY A 338 7.40 26.54 -6.51
CA GLY A 338 7.68 27.80 -5.83
C GLY A 338 8.37 27.64 -4.50
N THR A 339 7.87 26.74 -3.67
CA THR A 339 8.48 26.42 -2.40
C THR A 339 8.26 24.95 -2.07
N ARG A 340 9.22 24.35 -1.38
CA ARG A 340 9.10 22.95 -1.02
C ARG A 340 8.27 22.76 0.25
N GLU A 341 8.32 23.71 1.17
CA GLU A 341 7.69 23.53 2.48
C GLU A 341 6.19 23.34 2.32
N GLY A 342 5.65 22.35 3.05
CA GLY A 342 4.22 22.10 2.99
C GLY A 342 3.39 23.11 3.75
N GLY A 343 2.10 23.13 3.44
CA GLY A 343 1.20 24.03 4.14
C GLY A 343 1.46 25.49 3.84
N THR A 344 2.00 25.78 2.67
CA THR A 344 2.32 27.14 2.26
C THR A 344 1.56 27.51 1.00
N LEU A 345 1.48 28.82 0.76
CA LEU A 345 0.93 29.34 -0.49
C LEU A 345 1.93 29.08 -1.61
N ARG A 346 1.55 28.25 -2.57
CA ARG A 346 2.49 27.80 -3.59
C ARG A 346 1.70 27.33 -4.80
N GLY A 347 2.42 26.85 -5.80
CA GLY A 347 1.80 26.37 -7.02
C GLY A 347 2.15 27.21 -8.23
N ALA A 348 1.33 27.13 -9.26
CA ALA A 348 1.66 27.79 -10.52
C ALA A 348 1.56 29.31 -10.40
N GLY A 349 2.41 29.99 -11.18
CA GLY A 349 2.37 31.42 -11.32
C GLY A 349 2.44 32.21 -10.03
N PRO A 350 3.58 32.13 -9.35
CA PRO A 350 3.79 32.99 -8.17
C PRO A 350 3.60 34.48 -8.46
N ARG A 351 4.02 34.95 -9.63
CA ARG A 351 3.86 36.36 -9.96
C ARG A 351 2.40 36.79 -10.02
N TRP A 352 1.48 35.85 -10.22
CA TRP A 352 0.07 36.20 -10.29
C TRP A 352 -0.51 36.52 -8.91
N GLN A 353 0.06 35.95 -7.85
CA GLN A 353 -0.61 35.91 -6.56
C GLN A 353 -0.28 37.15 -5.73
N LEU A 354 -1.09 37.37 -4.70
CA LEU A 354 -0.81 38.35 -3.67
C LEU A 354 -0.78 39.78 -4.20
N GLN A 355 -1.71 40.09 -5.10
CA GLN A 355 -1.78 41.41 -5.70
C GLN A 355 -3.19 41.96 -5.56
N GLY A 356 -3.28 43.25 -5.22
CA GLY A 356 -4.56 43.93 -5.17
C GLY A 356 -5.52 43.31 -4.16
N GLU A 357 -6.81 43.49 -4.43
CA GLU A 357 -7.83 43.05 -3.49
C GLU A 357 -7.81 41.53 -3.31
N PHE A 358 -7.63 40.79 -4.39
CA PHE A 358 -7.55 39.34 -4.28
C PHE A 358 -6.39 38.93 -3.38
N GLY A 359 -5.24 39.59 -3.54
CA GLY A 359 -4.10 39.26 -2.70
C GLY A 359 -4.38 39.47 -1.23
N GLU A 360 -5.13 40.53 -0.90
CA GLU A 360 -5.48 40.75 0.49
C GLU A 360 -6.45 39.69 1.00
N PHE A 361 -7.33 39.19 0.13
CA PHE A 361 -8.17 38.07 0.52
C PHE A 361 -7.33 36.83 0.79
N GLN A 362 -6.30 36.59 -0.03
CA GLN A 362 -5.43 35.45 0.19
C GLN A 362 -4.75 35.51 1.56
N ARG A 363 -4.25 36.68 1.95
CA ARG A 363 -3.58 36.81 3.22
C ARG A 363 -4.53 36.60 4.38
N ARG A 364 -5.74 37.19 4.32
CA ARG A 364 -6.73 36.95 5.36
C ARG A 364 -7.10 35.49 5.43
N GLN A 365 -7.34 34.87 4.27
CA GLN A 365 -7.74 33.46 4.23
C GLN A 365 -6.60 32.56 4.69
N ALA A 366 -5.37 32.90 4.34
CA ALA A 366 -4.23 32.09 4.77
C ALA A 366 -4.06 32.16 6.29
N GLU A 367 -4.25 33.33 6.88
CA GLU A 367 -4.17 33.44 8.34
C GLU A 367 -5.30 32.68 9.02
N GLU A 368 -6.48 32.65 8.41
CA GLU A 368 -7.60 31.93 9.01
C GLU A 368 -7.34 30.42 9.07
N LEU A 369 -6.80 29.86 7.99
CA LEU A 369 -6.62 28.42 7.88
C LEU A 369 -5.24 27.93 8.31
N GLY A 370 -4.31 28.84 8.59
CA GLY A 370 -2.98 28.42 8.96
C GLY A 370 -2.10 28.03 7.80
N VAL A 371 -2.24 28.71 6.66
CA VAL A 371 -1.37 28.52 5.51
C VAL A 371 -0.31 29.61 5.54
N ALA A 372 0.95 29.21 5.56
CA ALA A 372 2.04 30.16 5.65
C ALA A 372 2.32 30.79 4.30
N ILE A 373 2.69 32.06 4.32
CA ILE A 373 3.09 32.80 3.12
C ILE A 373 4.60 33.03 3.21
N PRO A 374 5.41 32.35 2.40
CA PRO A 374 6.86 32.59 2.48
C PRO A 374 7.20 34.03 2.13
N ALA A 375 8.21 34.55 2.80
CA ALA A 375 8.68 35.91 2.54
C ALA A 375 9.74 35.89 1.43
N GLN B 40 0.86 -3.27 19.55
CA GLN B 40 0.93 -3.28 18.08
C GLN B 40 -0.14 -4.18 17.48
N PRO B 41 -0.57 -3.86 16.25
CA PRO B 41 -1.66 -4.63 15.64
C PRO B 41 -1.33 -6.10 15.41
N TRP B 42 -0.05 -6.44 15.25
CA TRP B 42 0.34 -7.84 15.07
C TRP B 42 0.52 -8.58 16.39
N LEU B 43 0.32 -7.91 17.53
CA LEU B 43 0.47 -8.53 18.84
C LEU B 43 -0.91 -8.90 19.37
N HIS B 44 -1.11 -10.17 19.72
CA HIS B 44 -2.37 -10.68 20.23
C HIS B 44 -2.11 -11.31 21.59
N ARG B 45 -2.58 -10.68 22.65
CA ARG B 45 -2.38 -11.18 24.00
C ARG B 45 -3.51 -12.11 24.41
N LEU B 46 -3.18 -13.11 25.22
CA LEU B 46 -4.16 -14.00 25.82
C LEU B 46 -4.48 -13.52 27.23
N ASP B 47 -5.76 -13.45 27.56
CA ASP B 47 -6.19 -13.11 28.91
C ASP B 47 -6.31 -14.37 29.75
N PRO B 48 -6.46 -14.23 31.07
CA PRO B 48 -6.43 -15.43 31.93
C PRO B 48 -7.39 -16.53 31.51
N ALA B 49 -8.61 -16.18 31.10
CA ALA B 49 -9.57 -17.21 30.70
C ALA B 49 -9.06 -17.99 29.50
N GLU B 50 -8.39 -17.32 28.56
CA GLU B 50 -7.85 -18.00 27.39
C GLU B 50 -6.69 -18.90 27.76
N ALA B 51 -5.82 -18.44 28.68
CA ALA B 51 -4.74 -19.30 29.14
C ALA B 51 -5.31 -20.52 29.87
N ALA B 52 -6.24 -20.29 30.79
CA ALA B 52 -6.90 -21.40 31.46
C ALA B 52 -7.58 -22.33 30.47
N GLU B 53 -8.10 -21.79 29.37
CA GLU B 53 -8.72 -22.63 28.36
C GLU B 53 -7.70 -23.57 27.71
N ILE B 54 -6.46 -23.12 27.56
CA ILE B 54 -5.43 -23.99 27.01
C ILE B 54 -5.06 -25.10 28.00
N ASP B 55 -4.90 -24.75 29.28
CA ASP B 55 -4.62 -25.77 30.28
C ASP B 55 -5.71 -26.84 30.30
N ASP B 56 -6.97 -26.43 30.23
CA ASP B 56 -8.07 -27.39 30.20
C ASP B 56 -8.01 -28.24 28.95
N ALA B 57 -7.66 -27.63 27.81
CA ALA B 57 -7.56 -28.39 26.56
C ALA B 57 -6.48 -29.46 26.65
N LEU B 58 -5.33 -29.13 27.26
CA LEU B 58 -4.26 -30.10 27.40
C LEU B 58 -4.68 -31.26 28.30
N ASP B 59 -5.43 -30.96 29.37
CA ASP B 59 -5.94 -32.02 30.23
C ASP B 59 -6.79 -33.01 29.45
N VAL B 60 -7.66 -32.51 28.57
CA VAL B 60 -8.47 -33.41 27.74
C VAL B 60 -7.58 -34.28 26.88
N LEU B 61 -6.55 -33.68 26.27
CA LEU B 61 -5.67 -34.43 25.38
C LEU B 61 -4.91 -35.50 26.16
N LEU B 62 -4.38 -35.15 27.33
CA LEU B 62 -3.61 -36.10 28.13
C LEU B 62 -4.50 -37.21 28.68
N LYS B 63 -5.73 -36.87 29.06
CA LYS B 63 -6.66 -37.86 29.62
C LYS B 63 -7.33 -38.73 28.57
N SER B 64 -7.21 -38.37 27.28
CA SER B 64 -7.89 -39.11 26.24
C SER B 64 -7.27 -40.48 25.97
N GLY B 65 -6.01 -40.67 26.37
CA GLY B 65 -5.32 -41.90 26.03
C GLY B 65 -4.92 -42.02 24.58
N LYS B 66 -5.02 -40.93 23.81
CA LYS B 66 -4.66 -40.93 22.41
C LYS B 66 -3.30 -40.30 22.19
N PRO B 67 -2.48 -40.84 21.29
CA PRO B 67 -1.25 -40.16 20.91
C PRO B 67 -1.55 -38.99 19.96
N ASN B 68 -0.56 -38.13 19.78
CA ASN B 68 -0.75 -36.94 18.97
C ASN B 68 -1.33 -37.27 17.60
N PHE B 69 -0.71 -38.21 16.89
CA PHE B 69 -1.09 -38.47 15.50
C PHE B 69 -2.47 -39.09 15.34
N ALA B 70 -3.08 -39.52 16.43
CA ALA B 70 -4.44 -40.06 16.41
C ALA B 70 -5.46 -39.04 16.91
N ALA B 71 -5.01 -37.86 17.30
CA ALA B 71 -5.90 -36.88 17.92
C ALA B 71 -6.63 -36.06 16.85
N SER B 72 -7.63 -35.30 17.31
CA SER B 72 -8.39 -34.36 16.51
C SER B 72 -8.62 -33.10 17.35
N PRO B 73 -9.16 -32.03 16.77
CA PRO B 73 -9.41 -30.82 17.58
C PRO B 73 -10.29 -31.09 18.78
N ALA B 74 -11.22 -32.04 18.69
CA ALA B 74 -12.06 -32.38 19.83
C ALA B 74 -11.26 -32.87 21.04
N ASP B 75 -10.04 -33.38 20.83
CA ASP B 75 -9.20 -33.82 21.93
C ASP B 75 -8.42 -32.67 22.57
N PHE B 76 -8.55 -31.46 22.02
CA PHE B 76 -7.85 -30.27 22.52
C PHE B 76 -8.81 -29.09 22.32
N PRO B 77 -9.93 -29.09 23.04
CA PRO B 77 -10.99 -28.12 22.73
C PRO B 77 -10.61 -26.72 23.16
N LEU B 78 -10.80 -25.77 22.23
CA LEU B 78 -10.58 -24.34 22.48
C LEU B 78 -11.84 -23.61 22.04
N PRO B 79 -12.87 -23.61 22.88
CA PRO B 79 -14.16 -23.05 22.44
C PRO B 79 -14.09 -21.60 22.00
N THR B 80 -13.34 -20.75 22.71
CA THR B 80 -13.22 -19.34 22.37
C THR B 80 -11.89 -19.01 21.70
N LEU B 81 -10.82 -19.71 22.08
CA LEU B 81 -9.52 -19.41 21.49
C LEU B 81 -9.36 -20.03 20.11
N GLY B 82 -10.05 -21.13 19.84
CA GLY B 82 -9.96 -21.79 18.55
C GLY B 82 -10.32 -20.87 17.40
N PRO B 83 -11.55 -20.34 17.42
CA PRO B 83 -11.95 -19.42 16.34
C PRO B 83 -11.04 -18.21 16.25
N ARG B 84 -10.55 -17.71 17.38
CA ARG B 84 -9.66 -16.56 17.34
C ARG B 84 -8.32 -16.92 16.69
N LEU B 85 -7.79 -18.11 16.98
CA LEU B 85 -6.53 -18.52 16.38
C LEU B 85 -6.67 -18.70 14.88
N ARG B 86 -7.77 -19.29 14.42
CA ARG B 86 -8.01 -19.42 12.99
C ARG B 86 -8.04 -18.02 12.34
N GLY B 87 -8.66 -17.05 13.01
CA GLY B 87 -8.73 -15.71 12.47
C GLY B 87 -7.37 -15.06 12.37
N ILE B 88 -6.52 -15.26 13.38
CA ILE B 88 -5.19 -14.68 13.34
C ILE B 88 -4.38 -15.30 12.19
N VAL B 89 -4.48 -16.63 12.04
CA VAL B 89 -3.76 -17.27 10.93
C VAL B 89 -4.26 -16.74 9.60
N ASP B 90 -5.57 -16.52 9.49
CA ASP B 90 -6.11 -15.95 8.26
C ASP B 90 -5.58 -14.55 8.03
N SER B 91 -5.36 -13.79 9.10
CA SER B 91 -4.98 -12.38 8.96
C SER B 91 -3.55 -12.21 8.44
N ILE B 92 -2.68 -13.21 8.62
CA ILE B 92 -1.31 -13.06 8.15
C ILE B 92 -1.17 -13.33 6.66
N GLU B 93 -2.27 -13.63 5.98
CA GLU B 93 -2.28 -13.59 4.53
C GLU B 93 -2.21 -12.17 3.97
N ASN B 94 -2.42 -11.15 4.81
CA ASN B 94 -2.28 -9.77 4.43
C ASN B 94 -1.02 -9.18 5.06
N GLU B 95 -0.58 -8.04 4.52
CA GLU B 95 0.56 -7.35 5.12
C GLU B 95 0.24 -7.01 6.57
N PRO B 96 1.23 -7.04 7.47
CA PRO B 96 2.64 -7.33 7.21
C PRO B 96 2.99 -8.83 7.16
N GLY B 97 2.02 -9.71 7.39
CA GLY B 97 2.23 -11.12 7.18
C GLY B 97 2.78 -11.90 8.36
N PHE B 98 2.73 -11.35 9.57
CA PHE B 98 3.15 -12.09 10.75
C PHE B 98 2.30 -11.66 11.93
N ALA B 99 2.34 -12.47 12.98
CA ALA B 99 1.61 -12.25 14.21
C ALA B 99 2.40 -12.85 15.37
N LEU B 100 2.29 -12.22 16.54
CA LEU B 100 2.89 -12.72 17.76
C LEU B 100 1.79 -12.89 18.80
N VAL B 101 1.49 -14.14 19.14
CA VAL B 101 0.58 -14.46 20.23
C VAL B 101 1.39 -14.56 21.51
N ARG B 102 0.91 -13.91 22.55
CA ARG B 102 1.62 -13.84 23.83
C ARG B 102 0.75 -14.37 24.96
N GLY B 103 1.31 -15.28 25.75
CA GLY B 103 0.64 -15.73 26.95
C GLY B 103 0.29 -17.21 26.99
N VAL B 104 0.89 -18.00 26.10
CA VAL B 104 0.67 -19.44 26.13
C VAL B 104 1.24 -19.97 27.44
N PRO B 105 0.44 -20.68 28.27
CA PRO B 105 0.94 -21.11 29.59
C PRO B 105 1.90 -22.28 29.51
N VAL B 106 3.20 -22.01 29.46
CA VAL B 106 4.21 -23.06 29.34
C VAL B 106 5.10 -23.13 30.56
N GLY B 107 4.98 -22.21 31.51
CA GLY B 107 5.98 -22.12 32.57
C GLY B 107 5.98 -23.29 33.53
N ASP B 108 4.82 -23.87 33.79
CA ASP B 108 4.69 -24.94 34.78
C ASP B 108 4.63 -26.32 34.14
N LYS B 109 4.99 -26.44 32.86
CA LYS B 109 4.86 -27.68 32.12
C LYS B 109 6.24 -28.30 31.88
N SER B 110 6.27 -29.62 31.79
CA SER B 110 7.48 -30.31 31.36
C SER B 110 7.67 -30.13 29.86
N GLU B 111 8.90 -30.37 29.40
CA GLU B 111 9.20 -30.29 27.99
C GLU B 111 8.25 -31.18 27.17
N ASP B 112 8.03 -32.41 27.62
CA ASP B 112 7.10 -33.29 26.94
C ASP B 112 5.70 -32.69 26.91
N GLU B 113 5.25 -32.10 28.02
CA GLU B 113 3.91 -31.54 28.06
C GLU B 113 3.78 -30.33 27.14
N VAL B 114 4.84 -29.53 27.02
CA VAL B 114 4.78 -28.37 26.14
C VAL B 114 4.62 -28.81 24.69
N ARG B 115 5.31 -29.89 24.30
CA ARG B 115 5.19 -30.36 22.92
C ARG B 115 3.77 -30.80 22.60
N ARG B 116 3.13 -31.53 23.52
CA ARG B 116 1.75 -31.95 23.31
C ARG B 116 0.82 -30.74 23.29
N LEU B 117 1.06 -29.77 24.19
CA LEU B 117 0.32 -28.51 24.12
C LEU B 117 0.50 -27.85 22.75
N TYR B 118 1.75 -27.72 22.30
CA TYR B 118 2.02 -27.15 20.99
C TYR B 118 1.28 -27.91 19.90
N TRP B 119 1.33 -29.24 19.96
CA TRP B 119 0.60 -30.05 18.99
C TRP B 119 -0.89 -29.73 19.00
N GLY B 120 -1.45 -29.52 20.19
CA GLY B 120 -2.85 -29.16 20.29
C GLY B 120 -3.16 -27.83 19.63
N LEU B 121 -2.30 -26.82 19.85
CA LEU B 121 -2.50 -25.53 19.20
C LEU B 121 -2.42 -25.65 17.68
N GLY B 122 -1.50 -26.48 17.19
CA GLY B 122 -1.35 -26.65 15.77
C GLY B 122 -2.58 -27.16 15.07
N MET B 123 -3.46 -27.84 15.80
CA MET B 123 -4.69 -28.33 15.18
C MET B 123 -5.67 -27.20 14.87
N TYR B 124 -5.39 -25.98 15.33
CA TYR B 124 -6.16 -24.81 14.97
C TYR B 124 -5.39 -23.85 14.07
N ILE B 125 -4.20 -24.24 13.61
CA ILE B 125 -3.40 -23.40 12.73
C ILE B 125 -3.47 -23.92 11.31
N GLY B 126 -3.09 -25.18 11.11
CA GLY B 126 -3.08 -25.73 9.77
C GLY B 126 -2.79 -27.22 9.76
N VAL B 127 -2.30 -27.70 8.63
CA VAL B 127 -1.87 -29.09 8.49
C VAL B 127 -0.36 -29.11 8.71
N PRO B 128 0.14 -29.80 9.74
CA PRO B 128 1.59 -29.83 9.97
C PRO B 128 2.32 -30.59 8.87
N MET B 129 3.57 -30.21 8.65
CA MET B 129 4.39 -30.78 7.59
C MET B 129 5.67 -31.35 8.18
N ILE B 130 6.19 -32.40 7.54
CA ILE B 130 7.52 -32.88 7.85
C ILE B 130 8.53 -31.84 7.35
N GLN B 131 9.56 -31.60 8.14
CA GLN B 131 10.50 -30.51 7.90
C GLN B 131 11.89 -30.94 7.46
N ASN B 132 12.27 -32.20 7.65
CA ASN B 132 13.63 -32.63 7.34
C ASN B 132 13.62 -34.09 6.92
N ASN B 133 14.81 -34.62 6.63
CA ASN B 133 15.00 -36.02 6.25
C ASN B 133 14.93 -36.95 7.44
N ASN B 134 14.60 -36.45 8.63
CA ASN B 134 14.50 -37.27 9.83
C ASN B 134 13.04 -37.48 10.27
N ASP B 135 12.07 -37.15 9.42
CA ASP B 135 10.66 -37.45 9.69
C ASP B 135 10.13 -36.66 10.88
N SER B 136 10.72 -35.50 11.14
CA SER B 136 10.26 -34.64 12.23
C SER B 136 9.20 -33.65 11.76
N SER B 137 8.15 -33.48 12.56
CA SER B 137 7.16 -32.43 12.36
C SER B 137 7.18 -31.40 13.48
N MET B 138 8.18 -31.45 14.36
CA MET B 138 8.35 -30.44 15.41
C MET B 138 9.83 -30.42 15.75
N VAL B 139 10.50 -29.32 15.44
CA VAL B 139 11.96 -29.23 15.50
C VAL B 139 12.36 -28.33 16.66
N ASP B 140 13.34 -28.79 17.43
CA ASP B 140 13.83 -28.05 18.59
C ASP B 140 14.90 -27.06 18.14
N ILE B 141 14.78 -25.82 18.59
CA ILE B 141 15.76 -24.79 18.33
C ILE B 141 16.45 -24.48 19.65
N ARG B 142 17.71 -24.86 19.77
CA ARG B 142 18.51 -24.54 20.95
C ARG B 142 19.79 -23.83 20.52
N ASP B 143 20.75 -23.73 21.44
CA ASP B 143 22.02 -23.07 21.14
C ASP B 143 22.69 -23.64 19.89
N ILE B 159 22.40 -14.71 11.36
CA ILE B 159 21.56 -15.37 10.36
C ILE B 159 21.01 -14.35 9.37
N GLY B 160 21.30 -14.55 8.08
CA GLY B 160 20.77 -13.67 7.06
C GLY B 160 19.27 -13.87 6.88
N PHE B 161 18.61 -12.81 6.40
CA PHE B 161 17.17 -12.89 6.20
C PHE B 161 16.82 -13.96 5.17
N HIS B 162 15.73 -14.68 5.43
CA HIS B 162 15.35 -15.80 4.58
C HIS B 162 13.91 -16.16 4.87
N ILE B 163 13.37 -17.05 4.04
CA ILE B 163 12.08 -17.65 4.29
C ILE B 163 12.31 -19.12 4.64
N ASP B 164 11.29 -19.74 5.25
CA ASP B 164 11.21 -21.19 5.37
C ASP B 164 10.34 -21.70 4.23
N SER B 165 10.67 -22.91 3.75
CA SER B 165 10.01 -23.47 2.58
C SER B 165 8.68 -24.14 2.96
N THR B 166 7.77 -23.29 3.46
CA THR B 166 6.45 -23.72 3.88
C THR B 166 5.55 -22.50 3.88
N ASP B 167 4.23 -22.73 3.85
CA ASP B 167 3.31 -21.60 3.77
C ASP B 167 3.35 -20.78 5.04
N VAL B 168 3.28 -21.44 6.20
CA VAL B 168 3.28 -20.76 7.49
C VAL B 168 4.23 -21.49 8.43
N VAL B 169 5.14 -20.74 9.04
CA VAL B 169 6.04 -21.29 10.05
C VAL B 169 5.67 -20.65 11.39
N THR B 170 5.64 -21.48 12.44
CA THR B 170 5.38 -21.01 13.79
C THR B 170 6.56 -21.37 14.69
N LEU B 171 6.80 -20.51 15.68
CA LEU B 171 7.81 -20.75 16.71
C LEU B 171 7.17 -20.53 18.07
N LEU B 172 7.24 -21.54 18.93
CA LEU B 172 6.79 -21.43 20.32
C LEU B 172 8.01 -21.34 21.23
N CYS B 173 8.07 -20.31 22.03
CA CYS B 173 9.18 -20.09 22.94
C CYS B 173 8.86 -20.76 24.28
N ARG B 174 9.61 -21.81 24.61
CA ARG B 174 9.54 -22.36 25.96
C ARG B 174 10.49 -21.61 26.89
N ARG B 175 11.75 -21.48 26.48
N ARG B 175 11.76 -21.52 26.50
CA ARG B 175 12.76 -20.77 27.26
CA ARG B 175 12.77 -20.77 27.24
C ARG B 175 13.43 -19.72 26.37
C ARG B 175 13.34 -19.69 26.34
N ALA B 176 13.59 -18.52 26.90
CA ALA B 176 14.11 -17.39 26.16
C ALA B 176 15.62 -17.25 26.34
N ALA B 177 16.25 -16.64 25.34
CA ALA B 177 17.69 -16.38 25.40
C ALA B 177 18.00 -15.34 26.47
N SER B 178 19.13 -15.53 27.15
CA SER B 178 19.53 -14.61 28.20
C SER B 178 19.73 -13.19 27.67
N GLN B 179 20.44 -13.06 26.54
CA GLN B 179 20.76 -11.74 26.00
C GLN B 179 20.30 -11.59 24.56
N GLY B 180 21.08 -12.10 23.61
CA GLY B 180 20.77 -11.93 22.20
C GLY B 180 19.58 -12.73 21.72
N GLY B 181 19.65 -13.21 20.48
CA GLY B 181 18.57 -14.00 19.91
C GLY B 181 17.33 -13.23 19.53
N THR B 182 17.44 -11.91 19.35
CA THR B 182 16.29 -11.12 18.98
C THR B 182 15.80 -11.52 17.59
N SER B 183 14.53 -11.86 17.48
CA SER B 183 13.94 -12.18 16.21
C SER B 183 13.68 -10.92 15.38
N LEU B 184 14.02 -10.98 14.10
CA LEU B 184 13.87 -9.85 13.19
C LEU B 184 12.96 -10.28 12.04
N VAL B 185 11.96 -9.47 11.75
CA VAL B 185 11.06 -9.74 10.63
C VAL B 185 10.96 -8.48 9.78
N VAL B 186 10.83 -8.69 8.47
CA VAL B 186 10.70 -7.60 7.51
C VAL B 186 9.73 -8.02 6.42
N SER B 187 8.95 -7.06 5.91
CA SER B 187 8.04 -7.29 4.80
C SER B 187 8.84 -7.34 3.50
N ALA B 188 8.73 -8.46 2.77
CA ALA B 188 9.43 -8.58 1.50
C ALA B 188 8.96 -7.52 0.50
N GLU B 189 7.65 -7.25 0.48
CA GLU B 189 7.13 -6.22 -0.42
C GLU B 189 7.68 -4.85 -0.07
N ALA B 190 7.87 -4.57 1.22
CA ALA B 190 8.44 -3.28 1.60
C ALA B 190 9.86 -3.14 1.07
N VAL B 191 10.61 -4.24 1.09
CA VAL B 191 11.96 -4.23 0.52
C VAL B 191 11.91 -4.02 -0.98
N ARG B 192 11.03 -4.76 -1.66
CA ARG B 192 10.89 -4.59 -3.10
C ARG B 192 10.52 -3.15 -3.44
N ARG B 193 9.70 -2.51 -2.60
CA ARG B 193 9.28 -1.13 -2.88
C ARG B 193 10.42 -0.15 -2.67
N GLU B 194 11.26 -0.36 -1.65
CA GLU B 194 12.44 0.49 -1.51
C GLU B 194 13.35 0.35 -2.72
N MET B 195 13.57 -0.89 -3.18
CA MET B 195 14.39 -1.09 -4.38
C MET B 195 13.79 -0.40 -5.59
N SER B 196 12.45 -0.37 -5.69
CA SER B 196 11.83 0.27 -6.85
C SER B 196 12.10 1.77 -6.88
N TRP B 197 12.35 2.38 -5.72
CA TRP B 197 12.74 3.79 -5.66
C TRP B 197 14.25 3.98 -5.82
N GLU B 198 15.03 3.16 -5.11
CA GLU B 198 16.47 3.37 -4.96
C GLU B 198 17.28 2.74 -6.08
N CYS B 199 16.88 1.57 -6.56
CA CYS B 199 17.66 0.85 -7.56
C CYS B 199 16.73 0.00 -8.42
N PRO B 200 15.80 0.62 -9.13
CA PRO B 200 14.86 -0.18 -9.94
C PRO B 200 15.55 -1.05 -10.98
N GLU B 201 16.73 -0.65 -11.46
CA GLU B 201 17.43 -1.42 -12.47
C GLU B 201 17.76 -2.84 -12.01
N LEU B 202 17.80 -3.10 -10.70
CA LEU B 202 18.12 -4.42 -10.20
C LEU B 202 16.90 -5.32 -10.07
N LEU B 203 15.70 -4.78 -10.16
CA LEU B 203 14.50 -5.59 -9.91
C LEU B 203 14.32 -6.65 -10.99
N SER B 204 14.68 -6.34 -12.23
CA SER B 204 14.49 -7.32 -13.30
C SER B 204 15.25 -8.60 -13.00
N ALA B 205 16.42 -8.50 -12.35
CA ALA B 205 17.18 -9.69 -12.02
C ALA B 205 16.48 -10.57 -11.00
N LEU B 206 15.67 -9.97 -10.13
CA LEU B 206 14.96 -10.71 -9.09
C LEU B 206 13.62 -11.25 -9.57
N TYR B 207 13.12 -10.80 -10.71
CA TYR B 207 11.92 -11.36 -11.31
C TYR B 207 12.22 -12.57 -12.20
N GLU B 208 13.45 -12.70 -12.70
CA GLU B 208 13.83 -13.87 -13.47
C GLU B 208 14.13 -15.03 -12.52
N PRO B 209 13.81 -16.26 -12.91
CA PRO B 209 14.04 -17.39 -11.99
C PRO B 209 15.52 -17.54 -11.67
N LEU B 210 15.81 -17.77 -10.39
CA LEU B 210 17.16 -17.97 -9.90
C LEU B 210 17.27 -19.37 -9.31
N PRO B 211 18.47 -19.94 -9.27
CA PRO B 211 18.63 -21.32 -8.76
C PRO B 211 18.70 -21.37 -7.24
N PHE B 212 17.96 -22.30 -6.64
CA PHE B 212 17.95 -22.52 -5.21
C PHE B 212 18.27 -23.98 -4.92
N ALA B 213 19.14 -24.23 -3.94
CA ALA B 213 19.32 -25.58 -3.42
C ALA B 213 18.09 -25.98 -2.62
N ASP B 214 17.57 -27.18 -2.89
CA ASP B 214 16.36 -27.67 -2.23
C ASP B 214 16.68 -28.17 -0.82
N VAL B 215 15.93 -27.68 0.17
CA VAL B 215 16.16 -28.12 1.54
C VAL B 215 15.99 -29.62 1.66
N ALA B 216 15.20 -30.23 0.78
CA ALA B 216 14.96 -31.66 0.82
C ALA B 216 16.05 -32.47 0.11
N SER B 217 17.12 -31.85 -0.33
CA SER B 217 18.16 -32.59 -1.04
C SER B 217 18.70 -33.70 -0.14
N PRO B 218 18.72 -34.96 -0.60
CA PRO B 218 19.37 -36.01 0.20
C PRO B 218 20.85 -35.75 0.42
N ASP B 219 21.54 -35.26 -0.62
CA ASP B 219 22.97 -34.99 -0.57
C ASP B 219 23.14 -33.47 -0.65
N ASP B 220 23.47 -32.86 0.50
CA ASP B 220 23.61 -31.40 0.53
C ASP B 220 24.84 -30.93 -0.24
N GLU B 221 25.85 -31.81 -0.38
CA GLU B 221 27.04 -31.45 -1.16
C GLU B 221 26.78 -31.48 -2.66
N ARG B 222 25.76 -32.20 -3.11
CA ARG B 222 25.33 -32.22 -4.51
C ARG B 222 23.81 -32.05 -4.52
N PRO B 223 23.34 -30.85 -4.22
CA PRO B 223 21.89 -30.68 -3.97
C PRO B 223 21.06 -30.75 -5.24
N ASP B 224 19.82 -31.18 -5.07
CA ASP B 224 18.81 -30.90 -6.08
C ASP B 224 18.54 -29.40 -6.13
N VAL B 225 18.29 -28.89 -7.33
CA VAL B 225 18.11 -27.46 -7.54
C VAL B 225 16.82 -27.20 -8.31
N PHE B 226 16.10 -26.15 -7.92
CA PHE B 226 14.96 -25.66 -8.66
C PHE B 226 15.14 -24.16 -8.90
N LEU B 227 14.42 -23.67 -9.90
CA LEU B 227 14.45 -22.25 -10.25
C LEU B 227 13.23 -21.54 -9.69
N SER B 228 13.43 -20.31 -9.20
CA SER B 228 12.33 -19.52 -8.67
C SER B 228 12.72 -18.05 -8.71
N PRO B 229 11.81 -17.14 -9.06
CA PRO B 229 12.09 -15.71 -8.86
C PRO B 229 12.16 -15.41 -7.38
N VAL B 230 12.84 -14.31 -7.06
CA VAL B 230 12.83 -13.82 -5.69
C VAL B 230 11.55 -13.05 -5.39
N PHE B 231 11.01 -12.33 -6.37
CA PHE B 231 9.75 -11.60 -6.23
C PHE B 231 8.80 -12.05 -7.33
N GLY B 232 7.56 -12.35 -6.94
CA GLY B 232 6.54 -12.66 -7.93
C GLY B 232 5.18 -12.22 -7.46
N ARG B 233 4.21 -12.30 -8.36
CA ARG B 233 2.84 -11.95 -7.99
C ARG B 233 1.88 -12.67 -8.92
N HIS B 234 0.69 -12.96 -8.40
CA HIS B 234 -0.35 -13.65 -9.15
C HIS B 234 -1.70 -13.16 -8.66
N GLU B 235 -2.53 -12.68 -9.58
CA GLU B 235 -3.87 -12.17 -9.25
C GLU B 235 -3.80 -11.15 -8.11
N GLY B 236 -2.72 -10.37 -8.07
CA GLY B 236 -2.58 -9.30 -7.12
C GLY B 236 -1.94 -9.68 -5.80
N LEU B 237 -1.60 -10.96 -5.62
CA LEU B 237 -1.02 -11.44 -4.38
C LEU B 237 0.45 -11.75 -4.62
N THR B 238 1.32 -11.14 -3.83
CA THR B 238 2.76 -11.28 -4.00
C THR B 238 3.26 -12.53 -3.28
N THR B 239 4.38 -13.05 -3.78
CA THR B 239 5.06 -14.17 -3.15
C THR B 239 6.56 -13.92 -3.27
N THR B 240 7.30 -14.30 -2.25
CA THR B 240 8.73 -14.07 -2.22
C THR B 240 9.44 -15.37 -1.85
N ARG B 241 10.65 -15.54 -2.39
CA ARG B 241 11.58 -16.55 -1.92
C ARG B 241 12.95 -15.91 -1.88
N PHE B 242 13.59 -15.92 -0.72
CA PHE B 242 14.91 -15.32 -0.57
C PHE B 242 15.70 -16.14 0.42
N TYR B 243 16.91 -16.51 0.04
CA TYR B 243 17.80 -17.31 0.87
C TYR B 243 19.16 -17.36 0.19
N ILE B 244 20.07 -16.46 0.56
CA ILE B 244 21.34 -16.35 -0.15
C ILE B 244 22.11 -17.67 -0.08
N ARG B 245 22.15 -18.29 1.10
N ARG B 245 22.14 -18.28 1.10
CA ARG B 245 22.89 -19.53 1.23
CA ARG B 245 22.87 -19.54 1.25
C ARG B 245 22.38 -20.58 0.25
C ARG B 245 22.38 -20.58 0.27
N ARG B 246 21.06 -20.72 0.12
CA ARG B 246 20.50 -21.71 -0.78
C ARG B 246 20.84 -21.39 -2.23
N VAL B 247 20.87 -20.11 -2.58
CA VAL B 247 21.21 -19.74 -3.96
C VAL B 247 22.69 -20.04 -4.23
N LEU B 248 23.56 -19.72 -3.29
CA LEU B 248 24.98 -20.01 -3.50
C LEU B 248 25.24 -21.52 -3.51
N ARG B 249 24.53 -22.27 -2.65
CA ARG B 249 24.73 -23.72 -2.61
C ARG B 249 24.24 -24.38 -3.89
N SER B 250 23.30 -23.75 -4.60
CA SER B 250 22.83 -24.33 -5.85
C SER B 250 23.98 -24.55 -6.83
N GLN B 251 25.03 -23.73 -6.72
CA GLN B 251 26.16 -23.84 -7.62
C GLN B 251 26.95 -25.13 -7.42
N ASP B 252 26.79 -25.79 -6.28
CA ASP B 252 27.43 -27.09 -6.08
C ASP B 252 26.89 -28.14 -7.02
N ASN B 253 25.75 -27.90 -7.67
CA ASN B 253 25.25 -28.79 -8.71
C ASN B 253 25.78 -28.29 -10.05
N PRO B 254 26.71 -28.99 -10.69
CA PRO B 254 27.31 -28.44 -11.92
C PRO B 254 26.30 -28.20 -13.04
N ASP B 255 25.11 -28.79 -12.97
CA ASP B 255 24.11 -28.61 -14.01
C ASP B 255 23.26 -27.36 -13.82
N ALA B 256 23.25 -26.79 -12.61
CA ALA B 256 22.45 -25.61 -12.35
C ALA B 256 23.02 -24.41 -13.10
N PRO B 257 22.17 -23.46 -13.48
CA PRO B 257 22.68 -22.25 -14.13
C PRO B 257 23.67 -21.51 -13.23
N ARG B 258 24.68 -20.92 -13.85
CA ARG B 258 25.68 -20.16 -13.12
C ARG B 258 25.14 -18.80 -12.73
N LEU B 259 25.47 -18.37 -11.50
CA LEU B 259 25.01 -17.08 -11.00
C LEU B 259 25.81 -15.96 -11.65
N THR B 260 25.11 -15.03 -12.30
CA THR B 260 25.78 -13.87 -12.87
C THR B 260 26.03 -12.83 -11.78
N GLU B 261 26.93 -11.89 -12.08
CA GLU B 261 27.23 -10.85 -11.11
C GLU B 261 26.04 -9.95 -10.88
N ARG B 262 25.23 -9.72 -11.92
CA ARG B 262 24.03 -8.92 -11.73
C ARG B 262 23.12 -9.56 -10.71
N GLN B 263 22.92 -10.89 -10.83
CA GLN B 263 22.08 -11.60 -9.86
C GLN B 263 22.70 -11.52 -8.47
N LEU B 264 24.01 -11.74 -8.38
CA LEU B 264 24.68 -11.63 -7.08
C LEU B 264 24.50 -10.24 -6.50
N GLU B 265 24.61 -9.20 -7.34
CA GLU B 265 24.41 -7.85 -6.86
C GLU B 265 22.99 -7.64 -6.36
N ALA B 266 22.01 -8.19 -7.07
CA ALA B 266 20.62 -7.94 -6.72
C ALA B 266 20.25 -8.60 -5.39
N ILE B 267 20.63 -9.87 -5.20
CA ILE B 267 20.28 -10.54 -3.96
C ILE B 267 21.02 -9.90 -2.79
N ASN B 268 22.26 -9.47 -3.01
CA ASN B 268 22.99 -8.77 -1.95
C ASN B 268 22.30 -7.46 -1.60
N LYS B 269 21.74 -6.77 -2.61
CA LYS B 269 21.00 -5.55 -2.34
C LYS B 269 19.78 -5.82 -1.48
N VAL B 270 19.08 -6.93 -1.73
CA VAL B 270 17.92 -7.29 -0.92
C VAL B 270 18.34 -7.43 0.55
N GLU B 271 19.44 -8.16 0.79
CA GLU B 271 19.93 -8.34 2.15
C GLU B 271 20.25 -7.00 2.82
N GLU B 272 20.96 -6.13 2.11
CA GLU B 272 21.33 -4.83 2.68
C GLU B 272 20.10 -4.04 3.11
N ILE B 273 19.09 -3.96 2.24
CA ILE B 273 17.91 -3.16 2.55
C ILE B 273 17.12 -3.77 3.69
N ALA B 274 16.97 -5.11 3.68
CA ALA B 274 16.19 -5.76 4.72
C ALA B 274 16.72 -5.48 6.11
N ALA B 275 18.02 -5.23 6.25
CA ALA B 275 18.63 -5.03 7.55
C ALA B 275 18.51 -3.60 8.04
N ARG B 276 17.87 -2.71 7.29
CA ARG B 276 17.83 -1.30 7.67
C ARG B 276 16.84 -1.09 8.81
N PRO B 277 17.14 -0.20 9.74
CA PRO B 277 16.24 -0.03 10.91
C PRO B 277 14.80 0.28 10.52
N GLY B 278 14.60 1.13 9.52
CA GLY B 278 13.26 1.57 9.18
C GLY B 278 12.33 0.47 8.72
N LEU B 279 12.88 -0.65 8.27
CA LEU B 279 12.06 -1.74 7.75
C LEU B 279 11.92 -2.92 8.68
N VAL B 280 12.82 -3.06 9.66
CA VAL B 280 12.85 -4.24 10.51
C VAL B 280 11.95 -4.05 11.71
N THR B 281 11.27 -5.14 12.10
CA THR B 281 10.51 -5.18 13.35
C THR B 281 11.17 -6.17 14.28
N PRO B 282 11.82 -5.74 15.36
CA PRO B 282 12.42 -6.70 16.28
C PRO B 282 11.39 -7.28 17.24
N MET B 283 11.68 -8.50 17.69
CA MET B 283 10.80 -9.25 18.59
C MET B 283 11.69 -10.02 19.56
N GLN B 284 11.58 -9.70 20.84
CA GLN B 284 12.30 -10.40 21.90
C GLN B 284 11.36 -11.44 22.49
N PHE B 285 11.59 -12.71 22.15
CA PHE B 285 10.70 -13.78 22.61
C PHE B 285 10.71 -13.87 24.14
N GLU B 286 9.54 -14.13 24.71
CA GLU B 286 9.33 -14.46 26.11
C GLU B 286 8.68 -15.83 26.21
N PRO B 287 8.87 -16.55 27.30
CA PRO B 287 8.18 -17.84 27.45
C PRO B 287 6.68 -17.67 27.21
N GLY B 288 6.14 -18.51 26.33
CA GLY B 288 4.74 -18.46 25.98
C GLY B 288 4.45 -17.71 24.71
N ASP B 289 5.45 -17.11 24.09
CA ASP B 289 5.25 -16.43 22.81
C ASP B 289 5.11 -17.46 21.70
N LEU B 290 4.15 -17.23 20.82
CA LEU B 290 3.92 -18.04 19.63
C LEU B 290 3.96 -17.13 18.42
N GLN B 291 5.08 -17.17 17.69
CA GLN B 291 5.25 -16.36 16.50
C GLN B 291 4.76 -17.10 15.28
N MET B 292 4.01 -16.41 14.41
CA MET B 292 3.48 -17.01 13.19
C MET B 292 3.86 -16.14 12.01
N ILE B 293 4.48 -16.74 11.01
CA ILE B 293 5.03 -16.01 9.87
C ILE B 293 4.51 -16.62 8.58
N ASN B 294 4.03 -15.77 7.68
CA ASN B 294 3.65 -16.15 6.32
C ASN B 294 4.86 -15.98 5.42
N ASN B 295 5.43 -17.09 4.97
CA ASN B 295 6.69 -17.02 4.24
C ASN B 295 6.55 -16.41 2.86
N HIS B 296 5.34 -16.21 2.34
CA HIS B 296 5.20 -15.51 1.07
C HIS B 296 5.37 -14.01 1.21
N LEU B 297 5.26 -13.49 2.42
CA LEU B 297 5.29 -12.06 2.65
C LEU B 297 6.44 -11.58 3.53
N VAL B 298 7.08 -12.47 4.28
CA VAL B 298 7.99 -12.08 5.34
C VAL B 298 9.34 -12.76 5.16
N LEU B 299 10.42 -11.99 5.31
CA LEU B 299 11.75 -12.52 5.52
C LEU B 299 12.05 -12.39 7.00
N HIS B 300 12.69 -13.42 7.57
CA HIS B 300 13.00 -13.42 9.00
C HIS B 300 14.46 -13.74 9.21
N GLY B 301 14.97 -13.28 10.34
CA GLY B 301 16.35 -13.49 10.70
C GLY B 301 16.52 -13.35 12.19
N ARG B 302 17.77 -13.20 12.62
CA ARG B 302 18.08 -13.26 14.03
C ARG B 302 19.39 -12.52 14.29
N THR B 303 19.45 -11.85 15.43
CA THR B 303 20.71 -11.25 15.86
C THR B 303 21.56 -12.31 16.59
N ALA B 304 22.85 -12.03 16.71
CA ALA B 304 23.77 -12.96 17.36
C ALA B 304 23.44 -13.09 18.84
N GLY B 313 20.21 -20.50 27.46
CA GLY B 313 19.45 -21.75 27.44
C GLY B 313 18.19 -21.63 26.61
N ARG B 314 18.28 -20.93 25.49
CA ARG B 314 17.13 -20.76 24.61
C ARG B 314 16.55 -22.11 24.19
N HIS B 315 15.23 -22.17 24.06
CA HIS B 315 14.56 -23.36 23.54
C HIS B 315 13.27 -22.92 22.86
N LEU B 316 13.24 -22.98 21.54
CA LEU B 316 12.05 -22.75 20.74
C LEU B 316 11.64 -24.04 20.05
N LEU B 317 10.36 -24.11 19.69
CA LEU B 317 9.79 -25.25 18.98
C LEU B 317 9.20 -24.77 17.68
N ARG B 318 9.64 -25.35 16.57
CA ARG B 318 9.24 -24.93 15.24
C ARG B 318 8.30 -25.94 14.60
N MET B 319 7.22 -25.44 13.99
CA MET B 319 6.33 -26.24 13.18
C MET B 319 6.10 -25.57 11.82
N TRP B 320 5.83 -26.38 10.81
CA TRP B 320 5.57 -25.96 9.45
C TRP B 320 4.16 -26.38 9.08
N PHE B 321 3.41 -25.47 8.45
CA PHE B 321 2.02 -25.70 8.15
C PHE B 321 1.65 -25.33 6.71
N SER B 322 0.86 -26.21 6.07
CA SER B 322 0.00 -25.83 4.96
C SER B 322 -1.32 -25.32 5.55
N VAL B 323 -1.85 -24.25 4.97
CA VAL B 323 -3.03 -23.59 5.53
C VAL B 323 -4.10 -23.38 4.47
N PRO B 324 -5.36 -23.35 4.86
CA PRO B 324 -6.43 -23.29 3.85
C PRO B 324 -6.55 -21.95 3.13
N SER B 325 -5.96 -20.88 3.64
CA SER B 325 -6.06 -19.56 3.02
C SER B 325 -4.81 -19.17 2.23
N SER B 326 -3.90 -20.10 1.96
CA SER B 326 -2.67 -19.77 1.27
C SER B 326 -2.98 -19.37 -0.17
N ARG B 327 -2.07 -18.59 -0.75
CA ARG B 327 -2.29 -17.94 -2.04
C ARG B 327 -1.92 -18.86 -3.21
N SER B 328 -2.67 -18.74 -4.29
CA SER B 328 -2.25 -19.33 -5.55
C SER B 328 -1.04 -18.58 -6.09
N LEU B 329 -0.19 -19.31 -6.80
CA LEU B 329 1.14 -18.84 -7.18
C LEU B 329 1.26 -18.68 -8.67
N PRO B 330 2.25 -17.92 -9.13
CA PRO B 330 2.39 -17.67 -10.57
C PRO B 330 2.83 -18.90 -11.32
N PRO B 331 2.80 -18.86 -12.66
CA PRO B 331 3.31 -20.00 -13.43
C PRO B 331 4.78 -20.27 -13.15
N GLY B 332 5.15 -21.55 -13.23
CA GLY B 332 6.52 -21.96 -13.02
C GLY B 332 6.89 -22.23 -11.59
N TYR B 333 6.00 -21.96 -10.64
CA TYR B 333 6.30 -22.16 -9.23
C TYR B 333 6.09 -23.61 -8.76
N GLU B 334 5.67 -24.52 -9.64
CA GLU B 334 5.50 -25.90 -9.21
C GLU B 334 6.82 -26.50 -8.74
N ALA B 335 7.91 -26.21 -9.46
CA ALA B 335 9.21 -26.80 -9.10
C ALA B 335 9.61 -26.44 -7.68
N ALA B 336 9.25 -25.26 -7.21
CA ALA B 336 9.65 -24.82 -5.88
C ALA B 336 8.67 -25.23 -4.79
N TRP B 337 7.38 -25.26 -5.09
CA TRP B 337 6.34 -25.45 -4.10
C TRP B 337 5.55 -26.73 -4.26
N GLY B 338 5.69 -27.44 -5.36
CA GLY B 338 4.93 -28.67 -5.58
C GLY B 338 3.65 -28.45 -6.36
N THR B 339 2.88 -27.45 -5.98
CA THR B 339 1.67 -27.11 -6.72
C THR B 339 1.42 -25.60 -6.59
N ARG B 340 0.80 -25.04 -7.62
CA ARG B 340 0.49 -23.61 -7.64
C ARG B 340 -0.78 -23.31 -6.87
N GLU B 341 -1.75 -24.24 -6.88
CA GLU B 341 -3.07 -23.95 -6.32
C GLU B 341 -2.95 -23.65 -4.83
N GLY B 342 -3.60 -22.57 -4.40
CA GLY B 342 -3.56 -22.20 -3.00
C GLY B 342 -4.45 -23.07 -2.15
N GLY B 343 -4.19 -23.05 -0.85
CA GLY B 343 -4.99 -23.83 0.08
C GLY B 343 -4.79 -25.31 -0.08
N THR B 344 -3.63 -25.73 -0.52
CA THR B 344 -3.34 -27.14 -0.74
C THR B 344 -2.17 -27.58 0.13
N LEU B 345 -2.05 -28.91 0.30
CA LEU B 345 -0.90 -29.51 0.96
C LEU B 345 0.30 -29.40 0.03
N ARG B 346 1.31 -28.64 0.43
CA ARG B 346 2.41 -28.31 -0.46
C ARG B 346 3.58 -27.85 0.38
N GLY B 347 4.66 -27.47 -0.31
CA GLY B 347 5.86 -27.00 0.37
C GLY B 347 7.03 -27.93 0.14
N ALA B 348 8.02 -27.86 1.03
CA ALA B 348 9.26 -28.59 0.85
C ALA B 348 9.07 -30.09 1.03
N GLY B 349 9.89 -30.87 0.33
CA GLY B 349 9.97 -32.30 0.52
C GLY B 349 8.64 -33.02 0.41
N PRO B 350 8.04 -33.00 -0.79
CA PRO B 350 6.80 -33.75 -0.98
C PRO B 350 6.92 -35.22 -0.62
N ARG B 351 8.07 -35.84 -0.91
CA ARG B 351 8.25 -37.26 -0.63
C ARG B 351 8.19 -37.57 0.87
N TRP B 352 8.43 -36.57 1.73
CA TRP B 352 8.40 -36.78 3.16
C TRP B 352 6.98 -36.95 3.69
N GLN B 353 5.99 -36.38 3.02
CA GLN B 353 4.67 -36.23 3.59
C GLN B 353 3.81 -37.43 3.33
N LEU B 354 2.71 -37.52 4.07
CA LEU B 354 1.65 -38.51 3.80
C LEU B 354 2.14 -39.95 3.99
N GLN B 355 2.92 -40.18 5.04
CA GLN B 355 3.43 -41.50 5.34
C GLN B 355 3.16 -41.86 6.80
N GLY B 356 2.78 -43.12 7.02
CA GLY B 356 2.56 -43.68 8.33
C GLY B 356 1.46 -42.96 9.10
N GLU B 357 1.54 -43.06 10.43
CA GLU B 357 0.50 -42.48 11.28
C GLU B 357 0.44 -40.97 11.11
N PHE B 358 1.60 -40.32 10.99
CA PHE B 358 1.60 -38.89 10.75
C PHE B 358 0.86 -38.56 9.46
N GLY B 359 1.07 -39.37 8.42
CA GLY B 359 0.36 -39.14 7.17
C GLY B 359 -1.15 -39.24 7.32
N GLU B 360 -1.61 -40.18 8.14
CA GLU B 360 -3.06 -40.28 8.35
C GLU B 360 -3.58 -39.09 9.14
N PHE B 361 -2.77 -38.53 10.04
CA PHE B 361 -3.17 -37.30 10.70
C PHE B 361 -3.29 -36.15 9.71
N GLN B 362 -2.37 -36.07 8.76
CA GLN B 362 -2.43 -34.99 7.77
C GLN B 362 -3.74 -35.01 6.99
N ARG B 363 -4.18 -36.20 6.56
CA ARG B 363 -5.40 -36.29 5.79
C ARG B 363 -6.62 -35.91 6.63
N ARG B 364 -6.71 -36.40 7.86
CA ARG B 364 -7.82 -36.01 8.72
C ARG B 364 -7.80 -34.51 8.99
N GLN B 365 -6.63 -33.98 9.32
CA GLN B 365 -6.51 -32.56 9.61
C GLN B 365 -6.79 -31.72 8.37
N ALA B 366 -6.39 -32.20 7.19
CA ALA B 366 -6.67 -31.45 5.97
C ALA B 366 -8.17 -31.39 5.71
N GLU B 367 -8.87 -32.51 5.91
CA GLU B 367 -10.32 -32.50 5.73
C GLU B 367 -11.00 -31.62 6.78
N GLU B 368 -10.45 -31.56 7.99
CA GLU B 368 -11.04 -30.73 9.03
C GLU B 368 -11.00 -29.24 8.64
N LEU B 369 -9.86 -28.78 8.14
CA LEU B 369 -9.67 -27.36 7.86
C LEU B 369 -9.98 -26.99 6.41
N GLY B 370 -10.25 -27.96 5.55
CA GLY B 370 -10.52 -27.65 4.15
C GLY B 370 -9.28 -27.41 3.32
N VAL B 371 -8.20 -28.15 3.59
CA VAL B 371 -6.98 -28.08 2.80
C VAL B 371 -7.00 -29.24 1.81
N ALA B 372 -6.90 -28.93 0.53
CA ALA B 372 -6.92 -29.97 -0.49
C ALA B 372 -5.57 -30.67 -0.55
N ILE B 373 -5.61 -31.98 -0.82
CA ILE B 373 -4.42 -32.79 -0.95
C ILE B 373 -4.25 -33.13 -2.43
N PRO B 374 -3.26 -32.56 -3.13
CA PRO B 374 -3.09 -32.91 -4.54
C PRO B 374 -2.78 -34.38 -4.71
N ALA B 375 -3.33 -34.96 -5.77
CA ALA B 375 -3.06 -36.36 -6.10
C ALA B 375 -1.86 -36.44 -7.06
FE FE2 C . -7.24 19.19 -14.90
CL CL D . -2.14 22.94 -14.89
CL CL E . -0.94 21.96 -22.60
FE FE2 F . 13.79 -19.91 9.26
CL CL G . 13.78 -24.01 4.67
#